data_9JUM
#
_entry.id   9JUM
#
_cell.length_a   1.00
_cell.length_b   1.00
_cell.length_c   1.00
_cell.angle_alpha   90.00
_cell.angle_beta   90.00
_cell.angle_gamma   90.00
#
_symmetry.space_group_name_H-M   'P 1'
#
loop_
_entity.id
_entity.type
_entity.pdbx_description
1 polymer 'ABC transporter B family member 1'
2 non-polymer 'MAGNESIUM ION'
3 non-polymer 'PHOSPHOAMINOPHOSPHONIC ACID-ADENYLATE ESTER'
4 non-polymer Brassinolide
#
_entity_poly.entity_id   1
_entity_poly.type   'polypeptide(L)'
_entity_poly.pdbx_seq_one_letter_code
;MDYKDDDDKWSHPQFEKGGGGSGGSAWSHPQFEKEFKGLVDMDNDGGAPPPPPTLVVEEPKKAEIRGVAFKELFRFADGL
DYVLMGIGSVGAFVHGCSLPLFLRFFADLVNSFGSNSNNVEKMMEEVLKYALYFLVVGAAIWASSWAEISCWMWSGERQT
TKMRIKYLEAALNQDIQFFDTEVRTSDVVFAINTDAVMVQDAISEKLGNFIHYMATFVSGFIVGFTAVWQLALVTLAVVP
LIAVIGGIHTTTLSKLSNKSQESLSQAGNIVEQTVVQIRVVMAFVGESRASQAYSSALKIAQKLGYKTGLAKGMGLGATY
FVVFCCYALLLWYGGYLVRHHLTNGGLAIATMFAVMIGGLALGQSAPSMAAFAKAKVAAAKIFRIIDHKPTIERNSESGV
ELDSVTGLVELKNVDFSYPSRPDVKILNNFCLSVPAGKTIALVGSSGSGKSTVVSLIERFYDPNSGQVLLDGQDLKTLKL
RWLRQQIGLVSQEPALFATSIKENILLGRPDADQVEIEEAARVANAHSFIIKLPDGFDTQVGERGLQLSGGQKQRIAIAR
AMLKNPAILLLDEATSALDSESEKLVQEALDRFMIGRTTLIIAHRLSTIRKADLVAVLQQGSVSEIGTHDELFSKGENGV
YAKLIKMQEAAHETAMSNARKSSARPSSARNSVSSPIMTRNSSYGRSPYSRRLSDFSTSDFSLSIDASSYPNYRNEKLAF
KDQANSFWRLAKMNSPEWKYALLGSVGSVICGSLSAFFAYVLSAVLSVYYNPDHEYMIKQIDKYCYLLIGLSSAALVFNT
LQHSFWDIVGENLTKRVREKMLSAVLKNEMAWFDQEENESARIAARLALDANNVRSAIGDRISVIVQNTALMLVACTAGF
VLQWRLALVLVAVFPVVVAATVLQKMFMTGFSGDLEAAHAKGTQLAGEAIANVRTVAAFNSEAKIVRLYTANLEPPLKRC
FWKGQIAGSGYGVAQFCLYASYALGLWYASWLVKHGISDFSKTIRVFMVLMVSANGAAETLTLAPDFIKGGQAMRSVFEL
LDRKTEIEPDDPDTTPVPDRLRGEVELKHIDFSYPSRPDIQIFRDLSLRARAGKTLALVGPSGCGKSSVISLIQRFYEPS
SGRVMIDGKDIRKYNLKAIRKHIAIVPQEPCLFGTTIYENIAYGHECATEAEIIQAATLASAHKFISALPEGYKTYVGER
GVQLSGGQKQRIAIARALVRKAEIMLLDEATSALDAESERSVQEALDQACSGRTSIVVAHRLSTIRNAHVIAVIDDGKVA
EQGSHSHLLKNHPDGIYARMIQLQRFTHTQVIGMTSGSSSRVKEDDA
;
_entity_poly.pdbx_strand_id   A
#
loop_
_chem_comp.id
_chem_comp.type
_chem_comp.name
_chem_comp.formula
ANP non-polymer 'PHOSPHOAMINOPHOSPHONIC ACID-ADENYLATE ESTER' 'C10 H17 N6 O12 P3'
BLD non-polymer Brassinolide 'C28 H48 O6'
MG non-polymer 'MAGNESIUM ION' 'Mg 2'
#
# COMPACT_ATOMS: atom_id res chain seq x y z
N GLU A 64 -24.86 2.80 15.02
CA GLU A 64 -23.45 3.07 15.20
C GLU A 64 -23.03 2.84 16.66
N ILE A 65 -21.93 2.12 16.85
CA ILE A 65 -21.45 1.86 18.20
C ILE A 65 -21.02 3.17 18.86
N ARG A 66 -21.10 3.19 20.19
CA ARG A 66 -20.80 4.37 20.98
C ARG A 66 -19.36 4.32 21.46
N GLY A 67 -18.63 5.41 21.27
CA GLY A 67 -17.28 5.50 21.78
C GLY A 67 -17.25 5.47 23.29
N VAL A 68 -16.13 4.99 23.81
CA VAL A 68 -15.94 4.88 25.25
C VAL A 68 -15.47 6.23 25.78
N ALA A 69 -15.62 6.43 27.09
CA ALA A 69 -15.23 7.68 27.71
C ALA A 69 -13.72 7.87 27.63
N PHE A 70 -13.29 9.12 27.80
CA PHE A 70 -11.90 9.47 27.56
C PHE A 70 -10.96 8.74 28.51
N LYS A 71 -11.35 8.62 29.78
CA LYS A 71 -10.46 8.02 30.77
C LYS A 71 -10.13 6.57 30.42
N GLU A 72 -11.08 5.85 29.85
CA GLU A 72 -10.86 4.43 29.53
C GLU A 72 -9.75 4.23 28.51
N LEU A 73 -9.37 5.27 27.78
CA LEU A 73 -8.23 5.15 26.88
C LEU A 73 -6.97 4.75 27.64
N PHE A 74 -6.87 5.13 28.91
CA PHE A 74 -5.69 4.86 29.72
C PHE A 74 -5.88 3.65 30.61
N ARG A 75 -6.61 2.65 30.12
CA ARG A 75 -6.83 1.44 30.91
C ARG A 75 -5.53 0.70 31.18
N PHE A 76 -4.63 0.66 30.19
CA PHE A 76 -3.40 -0.09 30.28
C PHE A 76 -2.24 0.71 30.87
N ALA A 77 -2.52 1.88 31.43
CA ALA A 77 -1.48 2.77 31.95
C ALA A 77 -1.09 2.32 33.35
N ASP A 78 0.18 1.97 33.53
CA ASP A 78 0.71 1.61 34.84
C ASP A 78 1.36 2.83 35.49
N GLY A 79 2.00 2.59 36.64
CA GLY A 79 2.58 3.70 37.39
C GLY A 79 3.63 4.46 36.61
N LEU A 80 4.51 3.73 35.92
CA LEU A 80 5.50 4.39 35.09
C LEU A 80 4.85 5.20 33.98
N ASP A 81 3.77 4.66 33.39
CA ASP A 81 3.06 5.41 32.37
C ASP A 81 2.44 6.68 32.93
N TYR A 82 1.90 6.62 34.15
CA TYR A 82 1.37 7.82 34.79
C TYR A 82 2.46 8.85 35.03
N VAL A 83 3.64 8.39 35.47
CA VAL A 83 4.76 9.31 35.69
C VAL A 83 5.16 9.97 34.37
N LEU A 84 5.26 9.17 33.30
CA LEU A 84 5.63 9.71 32.01
C LEU A 84 4.59 10.71 31.51
N MET A 85 3.32 10.40 31.69
CA MET A 85 2.27 11.31 31.26
C MET A 85 2.32 12.61 32.03
N GLY A 86 2.56 12.54 33.34
CA GLY A 86 2.67 13.76 34.13
C GLY A 86 3.85 14.62 33.70
N ILE A 87 5.01 13.99 33.51
CA ILE A 87 6.19 14.73 33.09
C ILE A 87 5.97 15.35 31.72
N GLY A 88 5.37 14.59 30.80
CA GLY A 88 5.10 15.13 29.48
C GLY A 88 4.11 16.28 29.52
N SER A 89 3.09 16.19 30.37
CA SER A 89 2.14 17.28 30.51
C SER A 89 2.81 18.53 31.04
N VAL A 90 3.67 18.38 32.05
CA VAL A 90 4.39 19.52 32.59
C VAL A 90 5.29 20.13 31.50
N GLY A 91 5.98 19.29 30.75
CA GLY A 91 6.85 19.79 29.70
C GLY A 91 6.08 20.53 28.61
N ALA A 92 4.94 19.98 28.21
CA ALA A 92 4.12 20.63 27.19
C ALA A 92 3.60 21.97 27.70
N PHE A 93 3.16 22.02 28.94
CA PHE A 93 2.67 23.27 29.50
C PHE A 93 3.78 24.31 29.55
N VAL A 94 4.98 23.90 29.97
CA VAL A 94 6.09 24.85 30.06
C VAL A 94 6.47 25.36 28.67
N HIS A 95 6.48 24.46 27.69
CA HIS A 95 6.75 24.84 26.31
C HIS A 95 5.74 25.89 25.82
N GLY A 96 4.46 25.60 26.01
CA GLY A 96 3.43 26.50 25.55
C GLY A 96 3.49 27.85 26.23
N CYS A 97 3.81 27.86 27.52
CA CYS A 97 3.93 29.13 28.22
C CYS A 97 5.20 29.88 27.83
N SER A 98 6.26 29.15 27.50
CA SER A 98 7.54 29.80 27.19
C SER A 98 7.50 30.48 25.85
N LEU A 99 6.65 29.99 24.93
CA LEU A 99 6.56 30.66 23.63
C LEU A 99 6.20 32.14 23.73
N PRO A 100 5.19 32.57 24.50
CA PRO A 100 4.92 34.01 24.60
C PRO A 100 5.72 34.72 25.69
N LEU A 101 6.23 33.99 26.67
CA LEU A 101 7.07 34.62 27.68
C LEU A 101 8.30 35.25 27.05
N PHE A 102 8.82 34.63 25.99
CA PHE A 102 9.93 35.22 25.26
C PHE A 102 9.51 36.54 24.62
N LEU A 103 8.28 36.61 24.11
CA LEU A 103 7.80 37.87 23.55
C LEU A 103 7.72 38.95 24.62
N ARG A 104 7.28 38.58 25.82
CA ARG A 104 7.25 39.54 26.91
C ARG A 104 8.65 40.06 27.24
N PHE A 105 9.62 39.14 27.33
CA PHE A 105 10.98 39.55 27.64
C PHE A 105 11.57 40.39 26.52
N PHE A 106 11.24 40.05 25.27
CA PHE A 106 11.68 40.85 24.14
C PHE A 106 11.12 42.27 24.22
N ALA A 107 9.84 42.39 24.58
CA ALA A 107 9.25 43.72 24.73
C ALA A 107 9.97 44.51 25.81
N ASP A 108 10.24 43.88 26.94
CA ASP A 108 10.95 44.58 28.01
C ASP A 108 12.34 45.03 27.55
N LEU A 109 13.06 44.14 26.88
CA LEU A 109 14.41 44.48 26.41
C LEU A 109 14.35 45.64 25.43
N VAL A 110 13.43 45.58 24.46
CA VAL A 110 13.34 46.62 23.45
C VAL A 110 12.96 47.95 24.09
N ASN A 111 12.03 47.93 25.04
CA ASN A 111 11.63 49.17 25.69
C ASN A 111 12.81 49.78 26.44
N SER A 112 13.57 48.97 27.17
CA SER A 112 14.74 49.50 27.86
C SER A 112 15.75 50.06 26.87
N PHE A 113 16.06 49.27 25.83
CA PHE A 113 17.12 49.63 24.90
C PHE A 113 16.75 50.87 24.10
N GLY A 114 15.46 51.14 23.95
CA GLY A 114 15.02 52.32 23.25
C GLY A 114 14.90 53.55 24.14
N SER A 115 14.34 53.37 25.34
CA SER A 115 14.10 54.52 26.21
C SER A 115 15.39 55.02 26.83
N ASN A 116 16.34 54.13 27.13
CA ASN A 116 17.54 54.49 27.87
C ASN A 116 18.68 54.91 26.96
N SER A 117 18.37 55.50 25.80
CA SER A 117 19.43 55.93 24.88
C SER A 117 20.38 56.91 25.55
N ASN A 118 19.84 57.89 26.27
CA ASN A 118 20.68 58.89 26.92
C ASN A 118 21.57 58.27 27.99
N ASN A 119 21.01 57.34 28.79
CA ASN A 119 21.76 56.70 29.87
C ASN A 119 22.27 55.35 29.36
N VAL A 120 23.51 55.37 28.87
CA VAL A 120 24.06 54.21 28.17
C VAL A 120 24.24 53.03 29.13
N GLU A 121 24.80 53.29 30.31
CA GLU A 121 25.17 52.20 31.20
C GLU A 121 23.95 51.43 31.69
N LYS A 122 22.89 52.16 32.04
CA LYS A 122 21.65 51.49 32.47
C LYS A 122 21.07 50.68 31.32
N MET A 123 21.12 51.23 30.10
CA MET A 123 20.66 50.48 28.94
C MET A 123 21.44 49.19 28.80
N MET A 124 22.76 49.26 28.99
CA MET A 124 23.60 48.07 28.85
C MET A 124 23.24 47.01 29.88
N GLU A 125 23.10 47.42 31.15
CA GLU A 125 22.80 46.43 32.18
C GLU A 125 21.41 45.82 31.97
N GLU A 126 20.44 46.64 31.55
CA GLU A 126 19.11 46.11 31.26
C GLU A 126 19.16 45.11 30.12
N VAL A 127 19.83 45.46 29.02
CA VAL A 127 19.91 44.58 27.87
C VAL A 127 20.64 43.30 28.23
N LEU A 128 21.67 43.40 29.06
CA LEU A 128 22.41 42.22 29.46
C LEU A 128 21.54 41.29 30.30
N LYS A 129 20.80 41.84 31.26
CA LYS A 129 19.96 40.98 32.10
C LYS A 129 18.86 40.34 31.27
N TYR A 130 18.32 41.07 30.30
CA TYR A 130 17.27 40.47 29.48
C TYR A 130 17.84 39.45 28.49
N ALA A 131 19.09 39.60 28.06
CA ALA A 131 19.73 38.57 27.27
C ALA A 131 19.93 37.30 28.10
N LEU A 132 20.33 37.45 29.36
CA LEU A 132 20.39 36.29 30.25
C LEU A 132 19.01 35.66 30.42
N TYR A 133 17.97 36.47 30.48
CA TYR A 133 16.62 35.91 30.51
C TYR A 133 16.32 35.13 29.24
N PHE A 134 16.79 35.62 28.09
CA PHE A 134 16.61 34.88 26.84
C PHE A 134 17.30 33.53 26.92
N LEU A 135 18.52 33.49 27.46
CA LEU A 135 19.21 32.21 27.60
C LEU A 135 18.46 31.27 28.54
N VAL A 136 17.91 31.80 29.63
CA VAL A 136 17.15 30.98 30.55
C VAL A 136 15.92 30.40 29.87
N VAL A 137 15.23 31.23 29.09
CA VAL A 137 14.06 30.76 28.35
C VAL A 137 14.46 29.68 27.35
N GLY A 138 15.61 29.86 26.70
CA GLY A 138 16.08 28.85 25.77
C GLY A 138 16.33 27.51 26.46
N ALA A 139 16.98 27.55 27.62
CA ALA A 139 17.22 26.32 28.37
C ALA A 139 15.90 25.68 28.81
N ALA A 140 14.95 26.50 29.26
CA ALA A 140 13.65 25.97 29.67
C ALA A 140 12.94 25.29 28.52
N ILE A 141 12.97 25.92 27.33
CA ILE A 141 12.35 25.32 26.15
C ILE A 141 13.05 24.03 25.78
N TRP A 142 14.38 24.01 25.83
CA TRP A 142 15.12 22.78 25.60
C TRP A 142 14.60 21.65 26.49
N ALA A 143 14.64 21.86 27.80
CA ALA A 143 14.25 20.81 28.73
C ALA A 143 12.79 20.42 28.54
N SER A 144 11.90 21.40 28.40
CA SER A 144 10.47 21.12 28.33
C SER A 144 10.12 20.36 27.05
N SER A 145 10.64 20.80 25.90
CA SER A 145 10.35 20.12 24.65
C SER A 145 10.92 18.71 24.66
N TRP A 146 12.13 18.54 25.18
CA TRP A 146 12.71 17.20 25.29
C TRP A 146 11.79 16.29 26.11
N ALA A 147 11.42 16.75 27.31
CA ALA A 147 10.58 15.94 28.18
C ALA A 147 9.25 15.62 27.52
N GLU A 148 8.61 16.63 26.94
CA GLU A 148 7.31 16.42 26.32
C GLU A 148 7.38 15.37 25.23
N ILE A 149 8.28 15.56 24.26
CA ILE A 149 8.35 14.65 23.12
C ILE A 149 8.66 13.24 23.60
N SER A 150 9.73 13.09 24.38
CA SER A 150 10.18 11.76 24.76
C SER A 150 9.11 11.05 25.60
N CYS A 151 8.63 11.71 26.65
CA CYS A 151 7.69 11.07 27.57
C CYS A 151 6.40 10.71 26.86
N TRP A 152 5.82 11.64 26.10
CA TRP A 152 4.55 11.35 25.45
C TRP A 152 4.69 10.22 24.45
N MET A 153 5.73 10.25 23.62
CA MET A 153 5.89 9.21 22.60
C MET A 153 6.11 7.85 23.24
N TRP A 154 6.99 7.77 24.23
CA TRP A 154 7.29 6.48 24.83
C TRP A 154 6.11 5.95 25.63
N SER A 155 5.38 6.81 26.32
CA SER A 155 4.20 6.36 27.05
C SER A 155 3.15 5.83 26.10
N GLY A 156 2.92 6.53 24.98
CA GLY A 156 1.97 6.04 24.00
C GLY A 156 2.36 4.67 23.49
N GLU A 157 3.64 4.50 23.16
CA GLU A 157 4.09 3.19 22.69
C GLU A 157 3.91 2.11 23.75
N ARG A 158 4.27 2.42 24.99
CA ARG A 158 4.23 1.44 26.07
C ARG A 158 2.81 1.01 26.38
N GLN A 159 1.85 1.91 26.20
CA GLN A 159 0.46 1.55 26.45
C GLN A 159 -0.13 0.79 25.29
N THR A 160 0.15 1.26 24.06
CA THR A 160 -0.44 0.62 22.89
C THR A 160 0.09 -0.79 22.71
N THR A 161 1.34 -1.04 23.07
CA THR A 161 1.88 -2.39 22.95
C THR A 161 1.11 -3.37 23.84
N LYS A 162 0.91 -3.00 25.10
CA LYS A 162 0.14 -3.86 26.00
C LYS A 162 -1.30 -4.01 25.51
N MET A 163 -1.87 -2.95 24.95
CA MET A 163 -3.22 -3.06 24.42
C MET A 163 -3.29 -4.06 23.28
N ARG A 164 -2.32 -4.03 22.36
CA ARG A 164 -2.31 -4.98 21.27
C ARG A 164 -2.11 -6.41 21.78
N ILE A 165 -1.25 -6.58 22.79
CA ILE A 165 -1.04 -7.91 23.35
C ILE A 165 -2.34 -8.45 23.94
N LYS A 166 -3.03 -7.64 24.72
CA LYS A 166 -4.29 -8.08 25.32
C LYS A 166 -5.33 -8.35 24.24
N TYR A 167 -5.38 -7.50 23.22
CA TYR A 167 -6.32 -7.71 22.13
C TYR A 167 -6.09 -9.05 21.45
N LEU A 168 -4.84 -9.35 21.10
CA LEU A 168 -4.56 -10.61 20.42
C LEU A 168 -4.86 -11.80 21.32
N GLU A 169 -4.47 -11.71 22.59
CA GLU A 169 -4.70 -12.82 23.51
C GLU A 169 -6.19 -13.09 23.67
N ALA A 170 -6.99 -12.02 23.78
CA ALA A 170 -8.44 -12.19 23.87
C ALA A 170 -8.99 -12.73 22.56
N ALA A 171 -8.40 -12.34 21.44
CA ALA A 171 -8.92 -12.80 20.15
C ALA A 171 -8.71 -14.30 19.95
N LEU A 172 -7.52 -14.81 20.29
CA LEU A 172 -7.24 -16.21 20.03
C LEU A 172 -8.11 -17.14 20.86
N ASN A 173 -8.32 -16.82 22.13
CA ASN A 173 -9.09 -17.70 23.00
C ASN A 173 -10.59 -17.43 22.94
N GLN A 174 -11.07 -16.87 21.83
CA GLN A 174 -12.49 -16.77 21.57
C GLN A 174 -12.97 -18.01 20.81
N ASP A 175 -14.28 -18.14 20.70
CA ASP A 175 -14.86 -19.24 19.96
C ASP A 175 -14.92 -18.90 18.47
N ILE A 176 -14.94 -19.95 17.65
CA ILE A 176 -15.00 -19.76 16.20
C ILE A 176 -16.36 -19.21 15.79
N GLN A 177 -17.42 -19.73 16.42
CA GLN A 177 -18.75 -19.22 16.12
C GLN A 177 -18.87 -17.75 16.50
N PHE A 178 -18.03 -17.28 17.42
CA PHE A 178 -17.97 -15.86 17.71
C PHE A 178 -17.49 -15.08 16.48
N PHE A 179 -16.47 -15.60 15.79
CA PHE A 179 -16.02 -14.97 14.56
C PHE A 179 -17.08 -15.09 13.47
N ASP A 180 -17.84 -16.18 13.49
CA ASP A 180 -18.87 -16.37 12.47
C ASP A 180 -20.01 -15.38 12.63
N THR A 181 -20.53 -15.24 13.85
CA THR A 181 -21.72 -14.43 14.10
C THR A 181 -21.37 -12.96 14.38
N GLU A 182 -20.54 -12.73 15.39
CA GLU A 182 -20.13 -11.39 15.79
C GLU A 182 -18.96 -10.96 14.91
N VAL A 183 -18.18 -9.93 15.27
CA VAL A 183 -17.12 -9.37 14.46
C VAL A 183 -16.29 -10.45 13.77
N ARG A 184 -16.03 -10.26 12.48
CA ARG A 184 -15.37 -11.27 11.67
C ARG A 184 -13.86 -11.02 11.61
N THR A 185 -13.14 -12.00 11.05
CA THR A 185 -11.69 -11.98 11.08
C THR A 185 -11.13 -10.77 10.33
N SER A 186 -11.71 -10.45 9.17
CA SER A 186 -11.23 -9.28 8.43
C SER A 186 -11.41 -8.01 9.23
N ASP A 187 -12.55 -7.86 9.89
CA ASP A 187 -12.75 -6.71 10.75
C ASP A 187 -11.77 -6.71 11.92
N VAL A 188 -11.45 -7.90 12.45
CA VAL A 188 -10.51 -7.99 13.55
C VAL A 188 -9.13 -7.48 13.11
N VAL A 189 -8.68 -7.89 11.93
CA VAL A 189 -7.38 -7.44 11.45
C VAL A 189 -7.41 -5.94 11.17
N PHE A 190 -8.46 -5.47 10.51
CA PHE A 190 -8.59 -4.04 10.24
C PHE A 190 -8.53 -3.24 11.53
N ALA A 191 -9.19 -3.75 12.58
CA ALA A 191 -9.10 -3.09 13.87
C ALA A 191 -7.68 -3.10 14.41
N ILE A 192 -7.06 -4.28 14.48
CA ILE A 192 -5.76 -4.40 15.12
C ILE A 192 -4.71 -3.58 14.42
N ASN A 193 -4.95 -3.17 13.18
CA ASN A 193 -4.04 -2.23 12.51
C ASN A 193 -4.50 -0.80 12.72
N THR A 194 -5.66 -0.43 12.18
CA THR A 194 -6.03 0.98 12.10
C THR A 194 -6.41 1.53 13.46
N ASP A 195 -7.25 0.82 14.21
CA ASP A 195 -7.69 1.31 15.50
C ASP A 195 -6.53 1.38 16.47
N ALA A 196 -5.63 0.40 16.44
CA ALA A 196 -4.47 0.42 17.29
C ALA A 196 -3.60 1.65 17.01
N VAL A 197 -3.25 1.87 15.73
CA VAL A 197 -2.39 3.01 15.42
C VAL A 197 -3.11 4.32 15.73
N MET A 198 -4.43 4.34 15.54
CA MET A 198 -5.21 5.55 15.78
C MET A 198 -5.20 5.93 17.25
N VAL A 199 -5.50 4.96 18.13
CA VAL A 199 -5.45 5.23 19.56
C VAL A 199 -4.04 5.61 19.97
N GLN A 200 -3.04 4.91 19.43
CA GLN A 200 -1.66 5.23 19.78
C GLN A 200 -1.33 6.68 19.46
N ASP A 201 -1.61 7.13 18.23
CA ASP A 201 -1.25 8.50 17.87
C ASP A 201 -2.09 9.50 18.65
N ALA A 202 -3.31 9.12 19.03
CA ALA A 202 -4.14 10.07 19.78
C ALA A 202 -3.63 10.26 21.19
N ILE A 203 -3.22 9.18 21.87
CA ILE A 203 -2.80 9.32 23.26
C ILE A 203 -1.31 9.58 23.42
N SER A 204 -0.53 9.57 22.33
CA SER A 204 0.90 9.80 22.42
C SER A 204 1.18 11.23 22.01
N GLU A 205 0.86 11.64 20.79
CA GLU A 205 1.30 12.95 20.32
C GLU A 205 0.16 13.95 20.35
N LYS A 206 -1.05 13.52 20.03
CA LYS A 206 -2.18 14.45 19.97
C LYS A 206 -2.47 15.06 21.33
N LEU A 207 -2.40 14.26 22.39
CA LEU A 207 -2.67 14.78 23.72
C LEU A 207 -1.62 15.81 24.14
N GLY A 208 -0.34 15.50 23.89
CA GLY A 208 0.70 16.44 24.21
C GLY A 208 0.58 17.73 23.44
N ASN A 209 0.25 17.62 22.14
CA ASN A 209 0.06 18.81 21.33
C ASN A 209 -1.13 19.63 21.81
N PHE A 210 -2.20 18.96 22.24
CA PHE A 210 -3.36 19.67 22.76
C PHE A 210 -2.99 20.45 24.02
N ILE A 211 -2.26 19.81 24.94
CA ILE A 211 -1.85 20.50 26.16
C ILE A 211 -0.94 21.68 25.82
N HIS A 212 0.00 21.45 24.91
CA HIS A 212 0.95 22.49 24.53
C HIS A 212 0.24 23.69 23.91
N TYR A 213 -0.72 23.43 23.04
CA TYR A 213 -1.39 24.53 22.34
C TYR A 213 -2.36 25.27 23.27
N MET A 214 -3.02 24.55 24.18
CA MET A 214 -3.84 25.22 25.17
C MET A 214 -3.00 26.12 26.07
N ALA A 215 -1.82 25.63 26.48
CA ALA A 215 -0.91 26.45 27.27
C ALA A 215 -0.48 27.68 26.50
N THR A 216 -0.14 27.50 25.22
CA THR A 216 0.28 28.62 24.39
C THR A 216 -0.83 29.65 24.30
N PHE A 217 -2.06 29.20 24.06
CA PHE A 217 -3.19 30.12 23.92
C PHE A 217 -3.41 30.91 25.20
N VAL A 218 -3.44 30.22 26.35
CA VAL A 218 -3.72 30.90 27.60
C VAL A 218 -2.60 31.88 27.94
N SER A 219 -1.34 31.45 27.80
CA SER A 219 -0.23 32.32 28.13
C SER A 219 -0.18 33.52 27.21
N GLY A 220 -0.45 33.32 25.91
CA GLY A 220 -0.44 34.44 24.99
C GLY A 220 -1.53 35.44 25.31
N PHE A 221 -2.73 34.96 25.63
CA PHE A 221 -3.80 35.88 26.00
C PHE A 221 -3.43 36.66 27.25
N ILE A 222 -2.90 35.97 28.26
CA ILE A 222 -2.55 36.65 29.52
C ILE A 222 -1.50 37.71 29.26
N VAL A 223 -0.45 37.36 28.51
CA VAL A 223 0.63 38.31 28.26
C VAL A 223 0.11 39.51 27.48
N GLY A 224 -0.65 39.26 26.41
CA GLY A 224 -1.14 40.35 25.59
C GLY A 224 -2.04 41.29 26.36
N PHE A 225 -2.98 40.73 27.13
CA PHE A 225 -3.89 41.60 27.88
C PHE A 225 -3.15 42.38 28.94
N THR A 226 -2.35 41.71 29.77
CA THR A 226 -1.66 42.39 30.85
C THR A 226 -0.64 43.39 30.33
N ALA A 227 -0.21 43.24 29.07
CA ALA A 227 0.67 44.26 28.50
C ALA A 227 -0.14 45.46 28.00
N VAL A 228 -0.97 45.24 26.97
CA VAL A 228 -1.86 46.29 26.50
C VAL A 228 -3.23 45.69 26.21
N TRP A 229 -4.15 45.76 27.17
CA TRP A 229 -5.48 45.22 26.96
C TRP A 229 -6.16 45.79 25.71
N GLN A 230 -5.87 47.04 25.36
CA GLN A 230 -6.53 47.63 24.20
C GLN A 230 -6.13 46.92 22.91
N LEU A 231 -4.83 46.80 22.66
CA LEU A 231 -4.38 46.04 21.49
C LEU A 231 -4.74 44.57 21.62
N ALA A 232 -4.82 44.05 22.84
CA ALA A 232 -5.27 42.68 23.02
C ALA A 232 -6.67 42.50 22.47
N LEU A 233 -7.57 43.42 22.81
CA LEU A 233 -8.94 43.35 22.30
C LEU A 233 -8.97 43.48 20.78
N VAL A 234 -8.24 44.46 20.24
CA VAL A 234 -8.30 44.67 18.80
C VAL A 234 -7.74 43.46 18.05
N THR A 235 -6.61 42.93 18.51
CA THR A 235 -6.01 41.77 17.86
C THR A 235 -6.86 40.53 18.05
N LEU A 236 -7.56 40.41 19.18
CA LEU A 236 -8.49 39.32 19.36
C LEU A 236 -9.63 39.40 18.36
N ALA A 237 -10.11 40.61 18.08
CA ALA A 237 -11.06 40.79 17.00
C ALA A 237 -10.47 40.39 15.65
N VAL A 238 -9.18 40.67 15.44
CA VAL A 238 -8.51 40.34 14.18
C VAL A 238 -8.41 38.82 13.98
N VAL A 239 -8.03 38.09 15.02
CA VAL A 239 -7.59 36.70 14.84
C VAL A 239 -8.58 35.83 14.07
N PRO A 240 -9.90 35.88 14.34
CA PRO A 240 -10.81 34.96 13.64
C PRO A 240 -10.71 35.03 12.12
N LEU A 241 -10.44 36.21 11.56
CA LEU A 241 -10.29 36.31 10.11
C LEU A 241 -9.18 35.40 9.60
N ILE A 242 -7.99 35.51 10.20
CA ILE A 242 -6.85 34.71 9.75
C ILE A 242 -7.10 33.24 10.02
N ALA A 243 -7.68 32.92 11.18
CA ALA A 243 -7.95 31.52 11.50
C ALA A 243 -8.92 30.91 10.50
N VAL A 244 -9.98 31.65 10.15
CA VAL A 244 -10.97 31.15 9.20
C VAL A 244 -10.35 30.97 7.82
N ILE A 245 -9.52 31.93 7.40
CA ILE A 245 -8.88 31.83 6.09
C ILE A 245 -8.01 30.58 6.04
N GLY A 246 -7.21 30.36 7.09
CA GLY A 246 -6.38 29.17 7.13
C GLY A 246 -7.19 27.88 7.10
N GLY A 247 -8.28 27.85 7.86
CA GLY A 247 -9.11 26.65 7.87
C GLY A 247 -9.73 26.35 6.52
N ILE A 248 -10.26 27.39 5.85
CA ILE A 248 -10.84 27.20 4.52
C ILE A 248 -9.78 26.72 3.55
N HIS A 249 -8.60 27.33 3.60
CA HIS A 249 -7.49 26.90 2.75
C HIS A 249 -7.18 25.43 2.93
N THR A 250 -7.03 25.00 4.19
CA THR A 250 -6.69 23.61 4.47
C THR A 250 -7.79 22.67 3.99
N THR A 251 -9.05 23.03 4.24
CA THR A 251 -10.16 22.17 3.83
C THR A 251 -10.21 22.01 2.32
N THR A 252 -10.08 23.13 1.59
CA THR A 252 -10.12 23.06 0.14
C THR A 252 -8.97 22.23 -0.39
N LEU A 253 -7.77 22.42 0.16
CA LEU A 253 -6.63 21.63 -0.27
C LEU A 253 -6.85 20.14 -0.03
N SER A 254 -7.41 19.79 1.13
CA SER A 254 -7.64 18.38 1.43
C SER A 254 -8.65 17.76 0.47
N LYS A 255 -9.75 18.48 0.20
CA LYS A 255 -10.76 17.96 -0.72
C LYS A 255 -10.16 17.74 -2.11
N LEU A 256 -9.46 18.75 -2.62
CA LEU A 256 -8.88 18.63 -3.95
C LEU A 256 -7.81 17.54 -3.99
N SER A 257 -7.08 17.37 -2.88
CA SER A 257 -6.09 16.30 -2.81
C SER A 257 -6.74 14.93 -2.90
N ASN A 258 -7.88 14.76 -2.22
CA ASN A 258 -8.60 13.49 -2.32
C ASN A 258 -9.06 13.24 -3.75
N LYS A 259 -9.59 14.27 -4.40
CA LYS A 259 -10.01 14.13 -5.80
C LYS A 259 -8.84 13.71 -6.69
N SER A 260 -7.70 14.39 -6.54
CA SER A 260 -6.54 14.06 -7.36
C SER A 260 -6.06 12.64 -7.07
N GLN A 261 -6.09 12.24 -5.80
CA GLN A 261 -5.66 10.90 -5.44
C GLN A 261 -6.52 9.84 -6.12
N GLU A 262 -7.85 10.04 -6.11
CA GLU A 262 -8.69 9.04 -6.76
C GLU A 262 -8.47 9.02 -8.27
N SER A 263 -8.25 10.20 -8.88
CA SER A 263 -7.99 10.21 -10.32
C SER A 263 -6.71 9.46 -10.67
N LEU A 264 -5.64 9.70 -9.91
CA LEU A 264 -4.39 8.97 -10.16
C LEU A 264 -4.55 7.49 -9.87
N SER A 265 -5.39 7.14 -8.90
CA SER A 265 -5.68 5.73 -8.66
C SER A 265 -6.34 5.10 -9.88
N GLN A 266 -7.27 5.82 -10.51
CA GLN A 266 -7.87 5.34 -11.74
C GLN A 266 -6.82 5.10 -12.82
N ALA A 267 -5.93 6.09 -13.02
CA ALA A 267 -4.90 5.93 -14.04
C ALA A 267 -4.01 4.73 -13.75
N GLY A 268 -3.62 4.56 -12.49
CA GLY A 268 -2.87 3.37 -12.12
C GLY A 268 -3.66 2.09 -12.37
N ASN A 269 -4.99 2.16 -12.24
CA ASN A 269 -5.81 1.00 -12.55
C ASN A 269 -5.71 0.61 -14.02
N ILE A 270 -5.77 1.60 -14.92
CA ILE A 270 -5.50 1.29 -16.33
C ILE A 270 -4.12 0.68 -16.49
N VAL A 271 -3.13 1.22 -15.79
CA VAL A 271 -1.78 0.67 -15.89
C VAL A 271 -1.74 -0.80 -15.49
N GLU A 272 -2.35 -1.13 -14.35
CA GLU A 272 -2.33 -2.51 -13.87
C GLU A 272 -3.06 -3.44 -14.83
N GLN A 273 -4.24 -3.02 -15.29
CA GLN A 273 -5.00 -3.90 -16.18
C GLN A 273 -4.28 -4.11 -17.49
N THR A 274 -3.49 -3.13 -17.93
CA THR A 274 -2.70 -3.31 -19.14
C THR A 274 -1.53 -4.28 -18.90
N VAL A 275 -0.80 -4.08 -17.80
CA VAL A 275 0.41 -4.87 -17.57
C VAL A 275 0.05 -6.32 -17.27
N VAL A 276 -1.02 -6.55 -16.50
CA VAL A 276 -1.47 -7.92 -16.24
C VAL A 276 -1.78 -8.63 -17.55
N GLN A 277 -2.47 -7.93 -18.45
CA GLN A 277 -2.98 -8.50 -19.69
C GLN A 277 -2.10 -8.18 -20.88
N ILE A 278 -0.78 -8.09 -20.66
CA ILE A 278 0.15 -7.71 -21.71
C ILE A 278 0.12 -8.71 -22.86
N ARG A 279 -0.24 -9.97 -22.57
CA ARG A 279 -0.32 -11.00 -23.60
C ARG A 279 -1.19 -10.55 -24.77
N VAL A 280 -2.45 -10.28 -24.50
CA VAL A 280 -3.37 -9.86 -25.56
C VAL A 280 -2.98 -8.50 -26.11
N VAL A 281 -2.47 -7.62 -25.25
CA VAL A 281 -2.15 -6.26 -25.69
C VAL A 281 -1.09 -6.29 -26.79
N MET A 282 -0.04 -7.09 -26.59
CA MET A 282 0.95 -7.23 -27.65
C MET A 282 0.47 -8.14 -28.76
N ALA A 283 -0.42 -9.08 -28.46
CA ALA A 283 -1.00 -9.91 -29.51
C ALA A 283 -1.76 -9.08 -30.52
N PHE A 284 -2.31 -7.94 -30.08
CA PHE A 284 -2.94 -6.94 -30.91
C PHE A 284 -2.01 -5.72 -30.96
N VAL A 285 -2.48 -4.62 -31.52
CA VAL A 285 -1.68 -3.41 -31.62
C VAL A 285 -2.28 -2.43 -30.61
N GLY A 286 -2.89 -2.99 -29.55
CA GLY A 286 -3.66 -2.19 -28.61
C GLY A 286 -2.83 -1.34 -27.67
N GLU A 287 -1.51 -1.34 -27.80
CA GLU A 287 -0.68 -0.46 -26.99
C GLU A 287 -1.04 1.00 -27.25
N SER A 288 -1.38 1.34 -28.50
CA SER A 288 -1.84 2.68 -28.80
C SER A 288 -3.13 3.01 -28.06
N ARG A 289 -4.05 2.05 -27.99
CA ARG A 289 -5.29 2.26 -27.26
C ARG A 289 -5.02 2.47 -25.78
N ALA A 290 -4.10 1.69 -25.22
CA ALA A 290 -3.73 1.87 -23.82
C ALA A 290 -3.13 3.25 -23.59
N SER A 291 -2.29 3.72 -24.52
CA SER A 291 -1.72 5.05 -24.40
C SER A 291 -2.81 6.12 -24.45
N GLN A 292 -3.79 5.94 -25.33
CA GLN A 292 -4.89 6.92 -25.41
C GLN A 292 -5.69 6.95 -24.12
N ALA A 293 -6.01 5.78 -23.57
CA ALA A 293 -6.76 5.74 -22.31
C ALA A 293 -5.98 6.39 -21.18
N TYR A 294 -4.69 6.08 -21.10
CA TYR A 294 -3.84 6.70 -20.08
C TYR A 294 -3.78 8.20 -20.26
N SER A 295 -3.69 8.66 -21.50
CA SER A 295 -3.64 10.09 -21.76
C SER A 295 -4.93 10.78 -21.34
N SER A 296 -6.08 10.15 -21.58
CA SER A 296 -7.34 10.75 -21.16
C SER A 296 -7.44 10.83 -19.64
N ALA A 297 -7.07 9.74 -18.96
CA ALA A 297 -7.09 9.77 -17.50
C ALA A 297 -6.16 10.84 -16.95
N LEU A 298 -4.97 10.97 -17.55
CA LEU A 298 -4.02 11.97 -17.09
C LEU A 298 -4.52 13.38 -17.43
N LYS A 299 -5.27 13.54 -18.51
CA LYS A 299 -5.85 14.84 -18.82
C LYS A 299 -6.82 15.27 -17.73
N ILE A 300 -7.70 14.36 -17.32
CA ILE A 300 -8.61 14.68 -16.21
C ILE A 300 -7.82 15.00 -14.96
N ALA A 301 -6.80 14.19 -14.66
CA ALA A 301 -6.00 14.40 -13.46
C ALA A 301 -5.29 15.75 -13.50
N GLN A 302 -4.81 16.16 -14.67
CA GLN A 302 -4.04 17.40 -14.75
C GLN A 302 -4.94 18.62 -14.69
N LYS A 303 -6.13 18.51 -15.29
CA LYS A 303 -7.10 19.63 -15.23
C LYS A 303 -7.49 19.83 -13.76
N LEU A 304 -7.73 18.73 -13.04
CA LEU A 304 -8.05 18.81 -11.60
C LEU A 304 -6.80 19.35 -10.87
N GLY A 305 -5.62 18.93 -11.31
CA GLY A 305 -4.37 19.44 -10.70
C GLY A 305 -4.24 20.94 -10.89
N TYR A 306 -4.62 21.45 -12.06
CA TYR A 306 -4.60 22.91 -12.29
C TYR A 306 -5.47 23.58 -11.23
N LYS A 307 -6.63 22.97 -10.92
CA LYS A 307 -7.54 23.55 -9.93
C LYS A 307 -6.91 23.55 -8.54
N THR A 308 -6.21 22.46 -8.18
CA THR A 308 -5.56 22.41 -6.88
C THR A 308 -4.54 23.53 -6.73
N GLY A 309 -3.73 23.74 -7.77
CA GLY A 309 -2.72 24.79 -7.71
C GLY A 309 -3.35 26.16 -7.56
N LEU A 310 -4.43 26.41 -8.32
CA LEU A 310 -5.09 27.70 -8.21
C LEU A 310 -5.65 27.91 -6.81
N ALA A 311 -6.24 26.86 -6.22
CA ALA A 311 -6.77 26.98 -4.87
C ALA A 311 -5.67 27.27 -3.86
N LYS A 312 -4.54 26.58 -3.97
CA LYS A 312 -3.43 26.84 -3.06
C LYS A 312 -2.94 28.27 -3.19
N GLY A 313 -2.79 28.74 -4.42
CA GLY A 313 -2.36 30.12 -4.63
C GLY A 313 -3.32 31.12 -4.04
N MET A 314 -4.63 30.92 -4.25
CA MET A 314 -5.60 31.84 -3.68
C MET A 314 -5.57 31.81 -2.16
N GLY A 315 -5.39 30.63 -1.58
CA GLY A 315 -5.30 30.56 -0.12
C GLY A 315 -4.14 31.36 0.44
N LEU A 316 -2.95 31.17 -0.14
CA LEU A 316 -1.78 31.91 0.33
C LEU A 316 -1.98 33.41 0.12
N GLY A 317 -2.48 33.79 -1.05
CA GLY A 317 -2.69 35.21 -1.31
C GLY A 317 -3.68 35.84 -0.36
N ALA A 318 -4.78 35.14 -0.08
CA ALA A 318 -5.81 35.68 0.79
C ALA A 318 -5.29 35.83 2.22
N THR A 319 -4.57 34.83 2.72
CA THR A 319 -4.08 34.94 4.09
C THR A 319 -3.05 36.07 4.20
N TYR A 320 -2.18 36.22 3.21
CA TYR A 320 -1.22 37.31 3.27
C TYR A 320 -1.90 38.67 3.14
N PHE A 321 -2.92 38.76 2.30
CA PHE A 321 -3.67 40.01 2.15
C PHE A 321 -4.29 40.43 3.47
N VAL A 322 -5.00 39.50 4.12
CA VAL A 322 -5.68 39.86 5.36
C VAL A 322 -4.66 40.15 6.45
N VAL A 323 -3.53 39.43 6.46
CA VAL A 323 -2.49 39.72 7.45
C VAL A 323 -1.95 41.13 7.26
N PHE A 324 -1.68 41.52 6.01
CA PHE A 324 -1.14 42.84 5.74
C PHE A 324 -2.11 43.92 6.19
N CYS A 325 -3.39 43.79 5.81
CA CYS A 325 -4.37 44.82 6.18
C CYS A 325 -4.54 44.89 7.69
N CYS A 326 -4.59 43.73 8.34
CA CYS A 326 -4.83 43.69 9.77
C CYS A 326 -3.66 44.31 10.53
N TYR A 327 -2.42 44.00 10.15
CA TYR A 327 -1.29 44.66 10.80
C TYR A 327 -1.19 46.13 10.43
N ALA A 328 -1.68 46.53 9.26
CA ALA A 328 -1.75 47.97 9.00
C ALA A 328 -2.62 48.65 10.05
N LEU A 329 -3.82 48.11 10.26
CA LEU A 329 -4.71 48.69 11.26
C LEU A 329 -4.09 48.63 12.66
N LEU A 330 -3.51 47.49 13.01
CA LEU A 330 -2.93 47.31 14.34
C LEU A 330 -1.77 48.26 14.58
N LEU A 331 -0.89 48.42 13.58
CA LEU A 331 0.24 49.32 13.74
C LEU A 331 -0.21 50.75 13.88
N TRP A 332 -1.22 51.15 13.11
CA TRP A 332 -1.74 52.51 13.27
C TRP A 332 -2.29 52.71 14.69
N TYR A 333 -3.06 51.74 15.18
CA TYR A 333 -3.64 51.89 16.52
C TYR A 333 -2.55 51.86 17.58
N GLY A 334 -1.49 51.08 17.36
CA GLY A 334 -0.39 51.09 18.30
C GLY A 334 0.32 52.42 18.34
N GLY A 335 0.52 53.03 17.17
CA GLY A 335 1.07 54.39 17.15
C GLY A 335 0.18 55.36 17.89
N TYR A 336 -1.14 55.24 17.72
CA TYR A 336 -2.07 56.09 18.44
C TYR A 336 -1.91 55.90 19.95
N LEU A 337 -1.82 54.65 20.40
CA LEU A 337 -1.69 54.39 21.83
C LEU A 337 -0.38 54.96 22.38
N VAL A 338 0.72 54.77 21.65
CA VAL A 338 2.01 55.28 22.11
C VAL A 338 1.99 56.80 22.16
N ARG A 339 1.29 57.44 21.22
CA ARG A 339 1.23 58.89 21.20
C ARG A 339 0.60 59.44 22.48
N HIS A 340 -0.37 58.73 23.03
CA HIS A 340 -1.06 59.17 24.24
C HIS A 340 -0.45 58.61 25.51
N HIS A 341 0.76 58.06 25.43
CA HIS A 341 1.53 57.60 26.60
C HIS A 341 0.81 56.47 27.33
N LEU A 342 -0.04 55.71 26.64
CA LEU A 342 -0.67 54.57 27.27
C LEU A 342 0.30 53.40 27.43
N THR A 343 1.26 53.26 26.53
CA THR A 343 2.17 52.11 26.58
C THR A 343 3.41 52.43 25.76
N ASN A 344 4.27 51.41 25.66
CA ASN A 344 5.50 51.51 24.87
C ASN A 344 5.30 50.85 23.51
N GLY A 345 6.27 51.10 22.63
CA GLY A 345 6.25 50.42 21.35
C GLY A 345 6.50 48.93 21.48
N GLY A 346 7.48 48.56 22.30
CA GLY A 346 7.79 47.15 22.48
C GLY A 346 6.62 46.38 23.05
N LEU A 347 5.92 46.96 24.03
CA LEU A 347 4.75 46.31 24.58
C LEU A 347 3.66 46.15 23.53
N ALA A 348 3.50 47.16 22.66
CA ALA A 348 2.51 47.06 21.60
C ALA A 348 2.82 45.90 20.67
N ILE A 349 4.08 45.80 20.23
CA ILE A 349 4.47 44.73 19.31
C ILE A 349 4.30 43.37 19.98
N ALA A 350 4.71 43.27 21.24
CA ALA A 350 4.57 42.00 21.95
C ALA A 350 3.11 41.61 22.10
N THR A 351 2.24 42.57 22.42
CA THR A 351 0.82 42.25 22.53
C THR A 351 0.28 41.73 21.20
N MET A 352 0.64 42.42 20.11
CA MET A 352 0.24 41.98 18.78
C MET A 352 0.60 40.52 18.56
N PHE A 353 1.90 40.23 18.70
CA PHE A 353 2.41 38.90 18.39
C PHE A 353 1.81 37.86 19.32
N ALA A 354 1.71 38.17 20.61
CA ALA A 354 1.25 37.19 21.59
C ALA A 354 -0.21 36.84 21.35
N VAL A 355 -1.06 37.83 21.08
CA VAL A 355 -2.47 37.53 20.85
C VAL A 355 -2.64 36.73 19.56
N MET A 356 -1.87 37.08 18.52
CA MET A 356 -1.94 36.32 17.29
C MET A 356 -1.52 34.87 17.52
N ILE A 357 -0.45 34.68 18.28
CA ILE A 357 0.06 33.35 18.57
C ILE A 357 -0.97 32.55 19.35
N GLY A 358 -1.63 33.17 20.33
CA GLY A 358 -2.64 32.45 21.10
C GLY A 358 -3.81 32.00 20.25
N GLY A 359 -4.32 32.90 19.39
CA GLY A 359 -5.41 32.51 18.52
C GLY A 359 -5.03 31.37 17.59
N LEU A 360 -3.86 31.48 16.97
CA LEU A 360 -3.41 30.40 16.08
C LEU A 360 -3.19 29.11 16.85
N ALA A 361 -2.79 29.22 18.12
CA ALA A 361 -2.59 28.03 18.94
C ALA A 361 -3.91 27.30 19.18
N LEU A 362 -4.97 28.05 19.47
CA LEU A 362 -6.28 27.39 19.61
C LEU A 362 -6.69 26.72 18.31
N GLY A 363 -6.49 27.42 17.19
CA GLY A 363 -6.78 26.83 15.90
C GLY A 363 -6.02 25.53 15.67
N GLN A 364 -4.74 25.51 16.04
CA GLN A 364 -3.95 24.30 15.85
C GLN A 364 -4.33 23.21 16.84
N SER A 365 -4.92 23.59 17.97
CA SER A 365 -5.32 22.61 18.97
C SER A 365 -6.56 21.82 18.58
N ALA A 366 -7.48 22.44 17.83
CA ALA A 366 -8.71 21.73 17.45
C ALA A 366 -8.49 20.35 16.81
N PRO A 367 -7.55 20.15 15.88
CA PRO A 367 -7.37 18.81 15.30
C PRO A 367 -7.07 17.73 16.33
N SER A 368 -6.44 18.09 17.43
CA SER A 368 -6.24 17.12 18.51
C SER A 368 -7.57 16.63 19.05
N MET A 369 -8.56 17.53 19.17
CA MET A 369 -9.89 17.10 19.59
C MET A 369 -10.52 16.18 18.56
N ALA A 370 -10.32 16.47 17.27
CA ALA A 370 -10.84 15.57 16.25
C ALA A 370 -10.24 14.15 16.41
N ALA A 371 -8.93 14.10 16.58
CA ALA A 371 -8.27 12.80 16.79
C ALA A 371 -8.76 12.13 18.06
N PHE A 372 -9.07 12.92 19.09
CA PHE A 372 -9.61 12.36 20.32
C PHE A 372 -10.91 11.62 20.06
N ALA A 373 -11.82 12.25 19.31
CA ALA A 373 -13.10 11.60 19.02
C ALA A 373 -12.90 10.31 18.22
N LYS A 374 -12.04 10.38 17.19
CA LYS A 374 -11.81 9.19 16.37
C LYS A 374 -11.24 8.05 17.21
N ALA A 375 -10.28 8.38 18.09
CA ALA A 375 -9.68 7.36 18.93
C ALA A 375 -10.68 6.81 19.93
N LYS A 376 -11.61 7.65 20.41
CA LYS A 376 -12.64 7.15 21.29
C LYS A 376 -13.45 6.06 20.61
N VAL A 377 -13.84 6.29 19.35
CA VAL A 377 -14.59 5.25 18.63
C VAL A 377 -13.72 3.99 18.46
N ALA A 378 -12.47 4.17 18.02
CA ALA A 378 -11.61 3.02 17.77
C ALA A 378 -11.39 2.19 19.03
N ALA A 379 -11.12 2.86 20.14
CA ALA A 379 -10.88 2.15 21.39
C ALA A 379 -12.14 1.50 21.91
N ALA A 380 -13.31 2.09 21.63
CA ALA A 380 -14.55 1.41 21.96
C ALA A 380 -14.63 0.07 21.24
N LYS A 381 -14.29 0.05 19.95
CA LYS A 381 -14.27 -1.23 19.23
C LYS A 381 -13.28 -2.21 19.85
N ILE A 382 -12.05 -1.73 20.09
CA ILE A 382 -11.00 -2.61 20.60
C ILE A 382 -11.41 -3.21 21.94
N PHE A 383 -11.95 -2.39 22.83
CA PHE A 383 -12.39 -2.90 24.12
C PHE A 383 -13.59 -3.82 23.98
N ARG A 384 -14.41 -3.60 22.95
CA ARG A 384 -15.49 -4.53 22.68
C ARG A 384 -14.96 -5.93 22.45
N ILE A 385 -13.97 -6.07 21.57
CA ILE A 385 -13.39 -7.40 21.36
C ILE A 385 -12.67 -7.89 22.61
N ILE A 386 -11.94 -7.01 23.30
CA ILE A 386 -11.12 -7.45 24.43
C ILE A 386 -11.99 -8.00 25.55
N ASP A 387 -13.06 -7.27 25.91
CA ASP A 387 -13.79 -7.59 27.12
C ASP A 387 -14.72 -8.78 26.92
N HIS A 388 -14.96 -9.18 25.67
CA HIS A 388 -15.88 -10.27 25.41
C HIS A 388 -15.40 -11.56 26.06
N LYS A 389 -16.31 -12.23 26.75
CA LYS A 389 -16.00 -13.46 27.48
C LYS A 389 -16.25 -14.67 26.61
N PRO A 390 -15.32 -15.64 26.57
CA PRO A 390 -15.53 -16.83 25.74
C PRO A 390 -16.83 -17.55 26.07
N THR A 391 -17.70 -17.67 25.06
CA THR A 391 -19.01 -18.27 25.29
C THR A 391 -18.89 -19.76 25.61
N ILE A 392 -18.33 -20.54 24.68
CA ILE A 392 -18.16 -21.96 24.93
C ILE A 392 -17.12 -22.16 26.03
N GLU A 393 -17.51 -22.87 27.08
CA GLU A 393 -16.58 -23.15 28.16
C GLU A 393 -15.39 -23.95 27.62
N ARG A 394 -14.20 -23.55 28.06
CA ARG A 394 -12.97 -24.16 27.56
C ARG A 394 -12.11 -24.59 28.73
N ASN A 395 -11.38 -25.69 28.53
CA ASN A 395 -10.43 -26.22 29.52
C ASN A 395 -11.13 -26.51 30.84
N SER A 396 -12.23 -27.26 30.76
CA SER A 396 -13.00 -27.62 31.94
C SER A 396 -12.15 -28.49 32.87
N GLU A 397 -12.22 -28.23 34.16
CA GLU A 397 -11.48 -29.02 35.13
C GLU A 397 -12.07 -30.42 35.29
N SER A 398 -13.24 -30.67 34.69
CA SER A 398 -13.85 -31.99 34.73
C SER A 398 -13.17 -32.94 33.75
N GLY A 399 -12.03 -32.52 33.19
CA GLY A 399 -11.27 -33.32 32.25
C GLY A 399 -10.98 -34.71 32.76
N VAL A 400 -11.56 -35.71 32.10
CA VAL A 400 -11.43 -37.09 32.56
C VAL A 400 -10.01 -37.62 32.40
N GLU A 401 -9.31 -37.21 31.34
CA GLU A 401 -7.94 -37.67 31.06
C GLU A 401 -7.91 -39.18 30.86
N LEU A 402 -8.69 -39.64 29.89
CA LEU A 402 -8.72 -41.05 29.54
C LEU A 402 -7.34 -41.53 29.11
N ASP A 403 -6.96 -42.71 29.59
CA ASP A 403 -5.73 -43.35 29.13
C ASP A 403 -5.93 -44.19 27.89
N SER A 404 -7.19 -44.43 27.48
CA SER A 404 -7.49 -45.18 26.27
C SER A 404 -7.48 -44.22 25.08
N VAL A 405 -6.29 -44.04 24.51
CA VAL A 405 -6.14 -43.12 23.39
C VAL A 405 -6.97 -43.57 22.19
N THR A 406 -7.22 -44.87 22.08
CA THR A 406 -8.01 -45.39 20.98
C THR A 406 -9.45 -44.92 21.06
N GLY A 407 -9.98 -44.39 19.97
CA GLY A 407 -11.36 -43.98 19.91
C GLY A 407 -12.25 -45.06 19.37
N LEU A 408 -12.90 -45.81 20.27
CA LEU A 408 -13.69 -46.97 19.86
C LEU A 408 -14.89 -46.55 19.00
N VAL A 409 -15.69 -45.61 19.50
CA VAL A 409 -16.89 -45.17 18.80
C VAL A 409 -17.13 -43.71 19.13
N GLU A 410 -17.60 -42.95 18.16
CA GLU A 410 -17.82 -41.52 18.32
C GLU A 410 -18.71 -41.03 17.18
N LEU A 411 -19.21 -39.81 17.34
CA LEU A 411 -19.91 -39.09 16.26
C LEU A 411 -21.16 -39.86 15.81
N LYS A 412 -22.12 -39.99 16.71
CA LYS A 412 -23.38 -40.66 16.42
C LYS A 412 -24.55 -39.77 16.82
N ASN A 413 -25.67 -39.94 16.10
CA ASN A 413 -26.89 -39.15 16.32
C ASN A 413 -26.58 -37.65 16.30
N VAL A 414 -25.79 -37.23 15.31
CA VAL A 414 -25.29 -35.87 15.24
C VAL A 414 -26.27 -35.05 14.41
N ASP A 415 -26.84 -34.03 15.03
CA ASP A 415 -27.84 -33.17 14.40
C ASP A 415 -27.37 -31.71 14.34
N PHE A 416 -26.12 -31.48 13.95
CA PHE A 416 -25.55 -30.14 14.02
C PHE A 416 -26.16 -29.23 12.97
N SER A 417 -26.31 -27.95 13.33
CA SER A 417 -26.73 -26.91 12.42
C SER A 417 -25.72 -25.76 12.53
N TYR A 418 -25.41 -25.12 11.40
CA TYR A 418 -24.38 -24.06 11.42
C TYR A 418 -24.91 -22.85 12.19
N PRO A 419 -24.08 -22.15 13.01
CA PRO A 419 -24.55 -21.03 13.84
C PRO A 419 -25.10 -19.84 13.03
N SER A 420 -24.42 -19.46 11.94
CA SER A 420 -24.86 -18.30 11.14
C SER A 420 -26.26 -18.54 10.59
N ARG A 421 -26.59 -19.80 10.29
CA ARG A 421 -27.91 -20.15 9.74
C ARG A 421 -28.44 -21.35 10.53
N PRO A 422 -28.93 -21.11 11.75
CA PRO A 422 -29.39 -22.25 12.58
C PRO A 422 -30.51 -23.05 11.94
N ASP A 423 -31.32 -22.42 11.10
CA ASP A 423 -32.41 -23.13 10.44
C ASP A 423 -31.87 -24.20 9.48
N VAL A 424 -30.81 -23.89 8.75
CA VAL A 424 -30.22 -24.84 7.82
C VAL A 424 -29.45 -25.89 8.61
N LYS A 425 -30.04 -27.07 8.76
CA LYS A 425 -29.42 -28.16 9.50
C LYS A 425 -28.46 -28.90 8.59
N ILE A 426 -27.16 -28.66 8.77
CA ILE A 426 -26.16 -29.27 7.90
C ILE A 426 -26.11 -30.78 8.11
N LEU A 427 -26.13 -31.22 9.36
CA LEU A 427 -25.98 -32.63 9.70
C LEU A 427 -27.31 -33.16 10.21
N ASN A 428 -27.83 -34.19 9.53
CA ASN A 428 -29.15 -34.73 9.84
C ASN A 428 -29.00 -36.08 10.53
N ASN A 429 -28.99 -36.06 11.86
CA ASN A 429 -28.95 -37.28 12.68
C ASN A 429 -27.79 -38.17 12.27
N PHE A 430 -26.63 -37.54 12.05
CA PHE A 430 -25.46 -38.27 11.57
C PHE A 430 -24.99 -39.28 12.61
N CYS A 431 -24.70 -40.48 12.14
CA CYS A 431 -24.13 -41.54 12.96
C CYS A 431 -22.93 -42.15 12.23
N LEU A 432 -21.84 -42.37 12.97
CA LEU A 432 -20.64 -42.96 12.41
C LEU A 432 -19.97 -43.79 13.50
N SER A 433 -19.19 -44.80 13.09
CA SER A 433 -18.58 -45.69 14.08
C SER A 433 -17.13 -45.33 14.35
N VAL A 434 -16.29 -45.35 13.31
CA VAL A 434 -14.84 -45.21 13.42
C VAL A 434 -14.33 -46.20 14.46
N PRO A 435 -14.32 -47.50 14.17
CA PRO A 435 -13.85 -48.47 15.16
C PRO A 435 -12.35 -48.34 15.40
N ALA A 436 -11.93 -48.75 16.59
CA ALA A 436 -10.52 -48.73 16.94
C ALA A 436 -9.75 -49.81 16.17
N GLY A 437 -8.46 -49.57 15.98
CA GLY A 437 -7.57 -50.51 15.33
C GLY A 437 -7.60 -50.50 13.82
N LYS A 438 -8.34 -49.60 13.18
CA LYS A 438 -8.43 -49.60 11.72
C LYS A 438 -8.80 -48.20 11.24
N THR A 439 -8.29 -47.83 10.07
CA THR A 439 -8.53 -46.52 9.49
C THR A 439 -9.83 -46.52 8.69
N ILE A 440 -10.50 -45.37 8.67
CA ILE A 440 -11.76 -45.19 7.98
C ILE A 440 -11.69 -43.94 7.12
N ALA A 441 -12.23 -44.02 5.91
CA ALA A 441 -12.31 -42.89 5.00
C ALA A 441 -13.76 -42.44 4.86
N LEU A 442 -13.95 -41.22 4.36
CA LEU A 442 -15.27 -40.65 4.18
C LEU A 442 -15.36 -40.01 2.80
N VAL A 443 -16.43 -40.31 2.07
CA VAL A 443 -16.67 -39.72 0.77
C VAL A 443 -17.68 -38.60 0.91
N GLY A 444 -17.19 -37.38 1.12
CA GLY A 444 -18.10 -36.24 1.28
C GLY A 444 -18.35 -35.55 -0.05
N SER A 445 -19.60 -35.17 -0.26
CA SER A 445 -19.95 -34.35 -1.41
C SER A 445 -19.53 -32.91 -1.16
N SER A 446 -19.39 -32.15 -2.25
CA SER A 446 -18.97 -30.76 -2.12
C SER A 446 -19.95 -29.94 -1.30
N GLY A 447 -21.25 -30.12 -1.55
CA GLY A 447 -22.23 -29.42 -0.75
C GLY A 447 -22.35 -29.96 0.66
N SER A 448 -21.92 -31.21 0.85
CA SER A 448 -21.95 -31.82 2.18
C SER A 448 -20.87 -31.23 3.06
N GLY A 449 -21.08 -31.34 4.36
CA GLY A 449 -20.16 -30.75 5.32
C GLY A 449 -19.04 -31.66 5.78
N LYS A 450 -18.11 -31.97 4.89
CA LYS A 450 -16.91 -32.69 5.31
C LYS A 450 -16.08 -31.84 6.28
N SER A 451 -15.93 -30.56 5.94
CA SER A 451 -15.26 -29.64 6.86
C SER A 451 -16.08 -29.45 8.12
N THR A 452 -17.41 -29.47 7.98
CA THR A 452 -18.27 -29.31 9.14
C THR A 452 -18.11 -30.47 10.10
N VAL A 453 -18.15 -31.70 9.59
CA VAL A 453 -17.99 -32.86 10.47
C VAL A 453 -16.59 -32.88 11.05
N VAL A 454 -15.59 -32.44 10.28
CA VAL A 454 -14.25 -32.33 10.83
C VAL A 454 -14.23 -31.37 12.01
N SER A 455 -14.91 -30.22 11.87
CA SER A 455 -14.95 -29.24 12.94
C SER A 455 -15.64 -29.81 14.17
N LEU A 456 -16.74 -30.53 13.98
CA LEU A 456 -17.40 -31.19 15.11
C LEU A 456 -16.46 -32.18 15.80
N ILE A 457 -15.65 -32.90 15.01
CA ILE A 457 -14.65 -33.77 15.63
C ILE A 457 -13.67 -32.95 16.45
N GLU A 458 -13.22 -31.81 15.92
CA GLU A 458 -12.26 -30.98 16.62
C GLU A 458 -12.87 -30.17 17.76
N ARG A 459 -14.18 -30.23 17.94
CA ARG A 459 -14.91 -29.43 18.92
C ARG A 459 -14.82 -27.93 18.59
N PHE A 460 -14.58 -27.59 17.32
CA PHE A 460 -14.69 -26.19 16.92
C PHE A 460 -16.08 -25.64 17.23
N TYR A 461 -17.10 -26.47 17.05
CA TYR A 461 -18.47 -26.11 17.37
C TYR A 461 -19.05 -27.17 18.30
N ASP A 462 -20.03 -26.76 19.09
CA ASP A 462 -20.74 -27.67 19.96
C ASP A 462 -21.99 -28.18 19.26
N PRO A 463 -22.22 -29.49 19.23
CA PRO A 463 -23.43 -30.01 18.56
C PRO A 463 -24.68 -29.61 19.32
N ASN A 464 -25.60 -28.96 18.61
CA ASN A 464 -26.89 -28.60 19.22
C ASN A 464 -27.70 -29.86 19.45
N SER A 465 -27.71 -30.35 20.69
CA SER A 465 -28.29 -31.62 21.06
C SER A 465 -27.58 -32.77 20.35
N GLY A 466 -28.16 -33.96 20.42
CA GLY A 466 -27.55 -35.13 19.81
C GLY A 466 -26.63 -35.87 20.76
N GLN A 467 -26.52 -37.17 20.54
CA GLN A 467 -25.70 -38.04 21.38
C GLN A 467 -24.26 -38.10 20.89
N VAL A 468 -23.65 -36.94 20.71
CA VAL A 468 -22.27 -36.87 20.25
C VAL A 468 -21.34 -37.23 21.39
N LEU A 469 -20.32 -38.03 21.10
CA LEU A 469 -19.46 -38.58 22.13
C LEU A 469 -18.13 -38.95 21.49
N LEU A 470 -17.18 -39.35 22.33
CA LEU A 470 -15.87 -39.84 21.89
C LEU A 470 -15.47 -41.00 22.78
N ASP A 471 -15.12 -42.13 22.16
CA ASP A 471 -14.68 -43.33 22.85
C ASP A 471 -15.70 -43.86 23.86
N GLY A 472 -16.93 -43.35 23.82
CA GLY A 472 -17.93 -43.68 24.81
C GLY A 472 -17.95 -42.77 26.02
N GLN A 473 -17.22 -41.66 26.00
CA GLN A 473 -17.09 -40.79 27.16
C GLN A 473 -17.34 -39.31 26.84
N ASP A 474 -18.10 -39.01 25.79
CA ASP A 474 -18.51 -37.64 25.47
C ASP A 474 -17.30 -36.76 25.14
N LEU A 475 -17.53 -35.47 24.86
CA LEU A 475 -16.44 -34.54 24.60
C LEU A 475 -16.38 -33.41 25.62
N LYS A 476 -17.52 -32.75 25.91
CA LYS A 476 -17.47 -31.59 26.80
C LYS A 476 -17.13 -31.99 28.23
N THR A 477 -17.26 -33.27 28.56
CA THR A 477 -16.91 -33.72 29.91
C THR A 477 -15.40 -33.66 30.14
N LEU A 478 -14.62 -34.20 29.20
CA LEU A 478 -13.19 -34.44 29.42
C LEU A 478 -12.32 -33.31 28.86
N LYS A 479 -12.59 -32.10 29.36
CA LYS A 479 -11.75 -30.93 29.07
C LYS A 479 -11.71 -30.62 27.58
N LEU A 480 -10.92 -29.62 27.19
CA LEU A 480 -10.76 -29.29 25.78
C LEU A 480 -9.31 -29.22 25.34
N ARG A 481 -8.43 -28.67 26.18
CA ARG A 481 -7.03 -28.57 25.80
C ARG A 481 -6.44 -29.97 25.63
N TRP A 482 -6.71 -30.86 26.58
CA TRP A 482 -6.20 -32.22 26.48
C TRP A 482 -6.77 -32.95 25.28
N LEU A 483 -8.08 -32.81 25.04
CA LEU A 483 -8.70 -33.48 23.90
C LEU A 483 -8.10 -33.00 22.59
N ARG A 484 -7.94 -31.68 22.45
CA ARG A 484 -7.34 -31.15 21.23
C ARG A 484 -5.88 -31.58 21.11
N GLN A 485 -5.20 -31.78 22.23
CA GLN A 485 -3.86 -32.35 22.19
C GLN A 485 -3.90 -33.79 21.67
N GLN A 486 -4.92 -34.55 22.06
CA GLN A 486 -5.03 -35.94 21.62
C GLN A 486 -5.22 -36.02 20.11
N ILE A 487 -6.07 -35.17 19.55
CA ILE A 487 -6.42 -35.25 18.14
C ILE A 487 -5.39 -34.50 17.31
N GLY A 488 -4.92 -35.11 16.23
CA GLY A 488 -4.03 -34.45 15.30
C GLY A 488 -4.75 -34.14 14.00
N LEU A 489 -4.49 -32.95 13.45
CA LEU A 489 -5.18 -32.48 12.26
C LEU A 489 -4.18 -31.96 11.25
N VAL A 490 -4.43 -32.27 9.98
CA VAL A 490 -3.79 -31.58 8.87
C VAL A 490 -4.90 -30.89 8.09
N SER A 491 -4.55 -29.78 7.45
CA SER A 491 -5.51 -28.95 6.75
C SER A 491 -5.11 -28.80 5.29
N GLN A 492 -6.09 -28.46 4.45
CA GLN A 492 -5.78 -28.24 3.03
C GLN A 492 -4.81 -27.08 2.86
N GLU A 493 -5.02 -25.99 3.58
CA GLU A 493 -4.12 -24.85 3.54
C GLU A 493 -3.13 -24.97 4.69
N PRO A 494 -1.83 -25.12 4.43
CA PRO A 494 -0.88 -25.22 5.54
C PRO A 494 -0.85 -23.94 6.36
N ALA A 495 -0.70 -24.10 7.67
CA ALA A 495 -0.71 -22.98 8.61
C ALA A 495 0.71 -22.57 8.98
N LEU A 496 1.37 -21.91 8.05
CA LEU A 496 2.73 -21.42 8.26
C LEU A 496 2.67 -19.94 8.60
N PHE A 497 3.11 -19.60 9.81
CA PHE A 497 3.09 -18.22 10.28
C PHE A 497 4.40 -17.52 9.94
N ALA A 498 4.51 -16.26 10.37
CA ALA A 498 5.63 -15.42 9.98
C ALA A 498 6.95 -15.91 10.57
N THR A 499 6.90 -16.74 11.61
CA THR A 499 8.12 -17.14 12.29
C THR A 499 8.90 -18.16 11.47
N SER A 500 9.99 -18.64 12.05
CA SER A 500 10.84 -19.61 11.38
C SER A 500 10.14 -20.97 11.28
N ILE A 501 10.57 -21.78 10.32
CA ILE A 501 9.96 -23.09 10.13
C ILE A 501 10.25 -23.99 11.33
N LYS A 502 11.44 -23.87 11.93
CA LYS A 502 11.71 -24.59 13.16
C LYS A 502 10.75 -24.17 14.26
N GLU A 503 10.48 -22.86 14.35
CA GLU A 503 9.49 -22.40 15.32
C GLU A 503 8.09 -22.88 14.97
N ASN A 504 7.81 -23.10 13.69
CA ASN A 504 6.53 -23.72 13.32
C ASN A 504 6.46 -25.15 13.85
N ILE A 505 7.56 -25.91 13.75
CA ILE A 505 7.57 -27.25 14.31
C ILE A 505 7.37 -27.19 15.82
N LEU A 506 8.02 -26.25 16.49
CA LEU A 506 7.75 -26.06 17.93
C LEU A 506 6.29 -25.74 18.18
N LEU A 507 5.69 -24.91 17.33
CA LEU A 507 4.27 -24.61 17.46
C LEU A 507 3.43 -25.87 17.35
N GLY A 508 3.91 -26.84 16.56
CA GLY A 508 3.25 -28.14 16.53
C GLY A 508 3.24 -28.80 17.89
N ARG A 509 4.38 -28.83 18.56
CA ARG A 509 4.47 -29.35 19.92
C ARG A 509 5.66 -28.71 20.64
N PRO A 510 5.42 -27.75 21.53
CA PRO A 510 6.54 -27.01 22.14
C PRO A 510 7.46 -27.85 23.01
N ASP A 511 7.00 -29.01 23.49
CA ASP A 511 7.85 -29.84 24.35
C ASP A 511 9.01 -30.43 23.56
N ALA A 512 8.84 -30.62 22.26
CA ALA A 512 9.86 -31.27 21.44
C ALA A 512 11.13 -30.45 21.39
N ASP A 513 12.27 -31.15 21.33
CA ASP A 513 13.56 -30.50 21.17
C ASP A 513 13.95 -30.49 19.69
N GLN A 514 15.17 -30.04 19.41
CA GLN A 514 15.60 -29.90 18.02
C GLN A 514 15.82 -31.25 17.37
N VAL A 515 16.27 -32.24 18.14
CA VAL A 515 16.50 -33.58 17.59
C VAL A 515 15.19 -34.19 17.10
N GLU A 516 14.11 -33.96 17.85
CA GLU A 516 12.81 -34.44 17.41
C GLU A 516 12.40 -33.77 16.10
N ILE A 517 12.70 -32.48 15.95
CA ILE A 517 12.43 -31.79 14.69
C ILE A 517 13.21 -32.45 13.56
N GLU A 518 14.49 -32.74 13.80
CA GLU A 518 15.32 -33.34 12.76
C GLU A 518 14.77 -34.70 12.34
N GLU A 519 14.43 -35.55 13.31
CA GLU A 519 13.92 -36.86 12.95
C GLU A 519 12.57 -36.76 12.25
N ALA A 520 11.71 -35.82 12.67
CA ALA A 520 10.48 -35.58 11.93
C ALA A 520 10.76 -35.10 10.53
N ALA A 521 11.92 -34.48 10.31
CA ALA A 521 12.38 -34.15 8.97
C ALA A 521 13.12 -35.31 8.31
N ARG A 522 13.42 -36.37 9.05
CA ARG A 522 14.09 -37.54 8.50
C ARG A 522 13.12 -38.69 8.22
N VAL A 523 12.40 -39.14 9.24
CA VAL A 523 11.55 -40.32 9.12
C VAL A 523 10.10 -39.94 8.84
N ALA A 524 9.58 -38.93 9.54
CA ALA A 524 8.21 -38.49 9.28
C ALA A 524 8.08 -37.92 7.87
N ASN A 525 9.05 -37.11 7.45
CA ASN A 525 9.12 -36.59 6.10
C ASN A 525 10.54 -36.75 5.59
N ALA A 526 10.70 -36.62 4.28
CA ALA A 526 12.02 -36.79 3.68
C ALA A 526 12.81 -35.49 3.78
N HIS A 527 14.14 -35.64 3.76
CA HIS A 527 15.02 -34.49 3.69
C HIS A 527 14.92 -33.87 2.30
N SER A 528 14.53 -32.61 2.23
CA SER A 528 14.22 -31.97 0.97
C SER A 528 14.56 -30.49 1.09
N PHE A 529 13.99 -29.67 0.20
CA PHE A 529 14.27 -28.24 0.21
C PHE A 529 13.91 -27.59 1.54
N ILE A 530 13.02 -28.22 2.32
CA ILE A 530 12.70 -27.70 3.64
C ILE A 530 13.95 -27.55 4.50
N ILE A 531 14.99 -28.32 4.18
CA ILE A 531 16.28 -28.13 4.83
C ILE A 531 17.24 -27.31 3.98
N LYS A 532 17.09 -27.34 2.66
CA LYS A 532 18.04 -26.68 1.76
C LYS A 532 17.90 -25.17 1.73
N LEU A 533 17.16 -24.58 2.66
CA LEU A 533 17.16 -23.14 2.80
C LEU A 533 18.56 -22.67 3.19
N PRO A 534 19.00 -21.48 2.77
CA PRO A 534 20.34 -21.01 3.15
C PRO A 534 20.55 -20.97 4.66
N ASP A 535 19.52 -20.56 5.42
CA ASP A 535 19.60 -20.54 6.87
C ASP A 535 19.21 -21.88 7.48
N GLY A 536 18.74 -22.83 6.67
CA GLY A 536 18.29 -24.09 7.22
C GLY A 536 16.96 -23.94 7.92
N PHE A 537 16.82 -24.63 9.05
CA PHE A 537 15.55 -24.62 9.77
C PHE A 537 15.26 -23.26 10.41
N ASP A 538 16.27 -22.40 10.51
CA ASP A 538 16.04 -21.07 11.08
C ASP A 538 15.77 -20.06 9.98
N THR A 539 14.74 -20.30 9.17
CA THR A 539 14.40 -19.45 8.05
C THR A 539 12.99 -18.91 8.23
N GLN A 540 12.85 -17.59 8.12
CA GLN A 540 11.52 -16.97 8.23
C GLN A 540 10.70 -17.26 6.99
N VAL A 541 9.77 -18.21 7.10
CA VAL A 541 8.92 -18.56 5.96
C VAL A 541 7.97 -17.41 5.63
N GLY A 542 7.54 -16.66 6.65
CA GLY A 542 6.55 -15.62 6.42
C GLY A 542 7.07 -14.47 5.57
N GLU A 543 8.36 -14.13 5.72
CA GLU A 543 8.87 -12.94 5.06
C GLU A 543 8.91 -13.09 3.54
N ARG A 544 9.06 -14.30 3.04
CA ARG A 544 9.18 -14.50 1.60
C ARG A 544 7.98 -15.24 1.04
N GLY A 545 7.68 -16.42 1.58
CA GLY A 545 6.56 -17.22 1.14
C GLY A 545 6.73 -17.86 -0.22
N LEU A 546 7.14 -17.06 -1.22
CA LEU A 546 7.35 -17.59 -2.55
C LEU A 546 8.44 -18.66 -2.57
N GLN A 547 9.33 -18.63 -1.59
CA GLN A 547 10.42 -19.61 -1.53
C GLN A 547 9.87 -21.02 -1.37
N LEU A 548 8.84 -21.18 -0.54
CA LEU A 548 8.25 -22.49 -0.34
C LEU A 548 7.24 -22.78 -1.45
N SER A 549 7.36 -23.97 -2.06
CA SER A 549 6.51 -24.31 -3.18
C SER A 549 5.05 -24.40 -2.77
N GLY A 550 4.77 -25.05 -1.64
CA GLY A 550 3.42 -25.32 -1.23
C GLY A 550 3.27 -26.77 -0.82
N GLY A 551 3.94 -27.66 -1.56
CA GLY A 551 4.09 -29.03 -1.09
C GLY A 551 5.02 -29.10 0.11
N GLN A 552 6.08 -28.29 0.10
CA GLN A 552 7.04 -28.30 1.20
C GLN A 552 6.40 -27.82 2.50
N LYS A 553 5.63 -26.74 2.45
CA LYS A 553 4.97 -26.26 3.67
C LYS A 553 3.90 -27.26 4.11
N GLN A 554 3.27 -27.94 3.15
CA GLN A 554 2.32 -28.99 3.51
C GLN A 554 3.03 -30.11 4.27
N ARG A 555 4.23 -30.48 3.83
CA ARG A 555 4.99 -31.49 4.57
C ARG A 555 5.46 -30.97 5.91
N ILE A 556 5.71 -29.67 6.02
CA ILE A 556 6.02 -29.08 7.33
C ILE A 556 4.83 -29.23 8.27
N ALA A 557 3.63 -28.98 7.77
CA ALA A 557 2.43 -29.22 8.56
C ALA A 557 2.30 -30.69 8.93
N ILE A 558 2.62 -31.58 7.98
CA ILE A 558 2.65 -33.00 8.28
C ILE A 558 3.59 -33.29 9.44
N ALA A 559 4.76 -32.66 9.44
CA ALA A 559 5.73 -32.89 10.51
C ALA A 559 5.20 -32.40 11.85
N ARG A 560 4.61 -31.20 11.88
CA ARG A 560 4.09 -30.69 13.14
C ARG A 560 2.96 -31.56 13.65
N ALA A 561 2.18 -32.16 12.75
CA ALA A 561 1.18 -33.15 13.15
C ALA A 561 1.86 -34.40 13.69
N MET A 562 2.96 -34.82 13.07
CA MET A 562 3.70 -35.99 13.54
C MET A 562 4.21 -35.78 14.96
N LEU A 563 4.50 -34.54 15.32
CA LEU A 563 4.86 -34.26 16.71
C LEU A 563 3.70 -34.60 17.65
N LYS A 564 2.47 -34.27 17.24
CA LYS A 564 1.29 -34.62 18.01
C LYS A 564 0.79 -36.02 17.62
N ASN A 565 1.71 -36.97 17.71
CA ASN A 565 1.47 -38.34 17.29
C ASN A 565 0.35 -39.08 18.02
N PRO A 566 0.22 -39.00 19.35
CA PRO A 566 -0.64 -39.96 20.05
C PRO A 566 -2.11 -39.81 19.67
N ALA A 567 -2.85 -40.91 19.85
CA ALA A 567 -4.31 -40.94 19.75
C ALA A 567 -4.80 -40.67 18.34
N ILE A 568 -6.12 -40.50 18.19
CA ILE A 568 -6.73 -40.30 16.89
C ILE A 568 -6.14 -39.06 16.22
N LEU A 569 -5.93 -39.16 14.91
CA LEU A 569 -5.39 -38.06 14.11
C LEU A 569 -6.23 -37.91 12.84
N LEU A 570 -7.04 -36.86 12.81
CA LEU A 570 -7.87 -36.57 11.65
C LEU A 570 -6.99 -36.12 10.47
N LEU A 571 -7.45 -36.44 9.26
CA LEU A 571 -6.78 -36.04 8.03
C LEU A 571 -7.75 -35.25 7.16
N ASP A 572 -7.23 -34.27 6.45
CA ASP A 572 -8.02 -33.49 5.50
C ASP A 572 -7.56 -33.77 4.08
N GLU A 573 -8.34 -33.27 3.13
CA GLU A 573 -8.04 -33.47 1.72
C GLU A 573 -6.84 -32.62 1.31
N ALA A 574 -6.14 -33.09 0.29
CA ALA A 574 -5.03 -32.37 -0.32
C ALA A 574 -5.35 -32.08 -1.78
N THR A 575 -4.77 -31.00 -2.30
CA THR A 575 -5.05 -30.60 -3.67
C THR A 575 -4.51 -31.64 -4.66
N SER A 576 -5.19 -31.74 -5.80
CA SER A 576 -4.74 -32.66 -6.84
C SER A 576 -3.37 -32.27 -7.37
N ALA A 577 -3.14 -30.96 -7.55
CA ALA A 577 -1.86 -30.45 -8.02
C ALA A 577 -0.86 -30.42 -6.85
N LEU A 578 -0.55 -31.62 -6.36
CA LEU A 578 0.38 -31.78 -5.25
C LEU A 578 1.34 -32.90 -5.59
N ASP A 579 2.57 -32.80 -5.06
CA ASP A 579 3.59 -33.79 -5.36
C ASP A 579 3.25 -35.13 -4.73
N SER A 580 3.63 -36.19 -5.42
CA SER A 580 3.35 -37.55 -4.93
C SER A 580 4.15 -37.86 -3.67
N GLU A 581 5.27 -37.18 -3.46
CA GLU A 581 6.07 -37.44 -2.26
C GLU A 581 5.31 -37.05 -0.99
N SER A 582 4.67 -35.89 -1.00
CA SER A 582 3.85 -35.50 0.15
C SER A 582 2.70 -36.49 0.34
N GLU A 583 2.09 -36.93 -0.75
CA GLU A 583 0.99 -37.89 -0.66
C GLU A 583 1.46 -39.19 -0.01
N LYS A 584 2.60 -39.72 -0.46
CA LYS A 584 3.09 -40.97 0.11
C LYS A 584 3.51 -40.78 1.55
N LEU A 585 3.99 -39.59 1.92
CA LEU A 585 4.22 -39.31 3.33
C LEU A 585 2.91 -39.36 4.11
N VAL A 586 1.83 -38.84 3.53
CA VAL A 586 0.53 -38.90 4.20
C VAL A 586 0.10 -40.35 4.41
N GLN A 587 0.22 -41.18 3.36
CA GLN A 587 -0.23 -42.55 3.52
C GLN A 587 0.68 -43.35 4.44
N GLU A 588 1.98 -43.03 4.48
CA GLU A 588 2.84 -43.73 5.43
C GLU A 588 2.57 -43.30 6.86
N ALA A 589 2.19 -42.03 7.06
CA ALA A 589 1.71 -41.61 8.37
C ALA A 589 0.44 -42.36 8.74
N LEU A 590 -0.44 -42.59 7.76
CA LEU A 590 -1.63 -43.39 8.01
C LEU A 590 -1.26 -44.81 8.42
N ASP A 591 -0.28 -45.42 7.74
CA ASP A 591 0.14 -46.77 8.08
C ASP A 591 0.71 -46.83 9.49
N ARG A 592 1.56 -45.88 9.87
CA ARG A 592 2.06 -45.88 11.23
C ARG A 592 1.03 -45.42 12.25
N PHE A 593 -0.06 -44.80 11.81
CA PHE A 593 -1.12 -44.34 12.72
C PHE A 593 -2.43 -44.98 12.29
N MET A 594 -2.67 -46.21 12.76
CA MET A 594 -3.96 -46.85 12.52
C MET A 594 -5.09 -46.13 13.23
N ILE A 595 -4.78 -45.40 14.31
CA ILE A 595 -5.80 -44.67 15.04
C ILE A 595 -6.11 -43.34 14.35
N GLY A 596 -5.33 -42.97 13.34
CA GLY A 596 -5.68 -41.83 12.52
C GLY A 596 -6.67 -42.23 11.43
N ARG A 597 -7.78 -41.50 11.33
CA ARG A 597 -8.89 -41.90 10.47
C ARG A 597 -9.41 -40.68 9.71
N THR A 598 -10.57 -40.85 9.10
CA THR A 598 -11.31 -39.78 8.42
C THR A 598 -10.42 -39.11 7.37
N THR A 599 -10.03 -39.89 6.38
CA THR A 599 -9.28 -39.39 5.25
C THR A 599 -10.24 -38.99 4.14
N LEU A 600 -10.03 -37.82 3.56
CA LEU A 600 -10.95 -37.28 2.55
C LEU A 600 -10.46 -37.69 1.18
N ILE A 601 -11.12 -38.70 0.60
CA ILE A 601 -10.72 -39.22 -0.71
C ILE A 601 -10.91 -38.16 -1.78
N ILE A 602 -12.09 -37.51 -1.81
CA ILE A 602 -12.47 -36.52 -2.81
C ILE A 602 -12.18 -37.04 -4.21
N ALA A 603 -12.46 -38.33 -4.43
CA ALA A 603 -12.37 -38.97 -5.73
C ALA A 603 -10.97 -38.92 -6.34
N HIS A 604 -9.95 -38.68 -5.53
CA HIS A 604 -8.57 -38.66 -6.00
C HIS A 604 -7.69 -39.37 -4.99
N ARG A 605 -6.54 -39.86 -5.47
CA ARG A 605 -5.60 -40.61 -4.65
C ARG A 605 -6.28 -41.86 -4.06
N LEU A 606 -6.68 -42.74 -4.97
CA LEU A 606 -7.46 -43.92 -4.61
C LEU A 606 -6.69 -44.90 -3.73
N SER A 607 -5.36 -44.78 -3.64
CA SER A 607 -4.62 -45.60 -2.71
C SER A 607 -5.09 -45.36 -1.28
N THR A 608 -5.44 -44.12 -0.96
CA THR A 608 -5.98 -43.81 0.35
C THR A 608 -7.25 -44.61 0.64
N ILE A 609 -8.20 -44.60 -0.30
CA ILE A 609 -9.43 -45.37 -0.08
C ILE A 609 -9.12 -46.85 -0.06
N ARG A 610 -8.03 -47.27 -0.71
CA ARG A 610 -7.60 -48.66 -0.58
C ARG A 610 -7.18 -48.97 0.86
N LYS A 611 -6.44 -48.05 1.48
CA LYS A 611 -5.96 -48.28 2.84
C LYS A 611 -7.11 -48.36 3.84
N ALA A 612 -8.10 -47.48 3.71
CA ALA A 612 -9.22 -47.41 4.65
C ALA A 612 -10.32 -48.34 4.17
N ASP A 613 -10.53 -49.44 4.90
CA ASP A 613 -11.54 -50.42 4.50
C ASP A 613 -12.95 -49.86 4.61
N LEU A 614 -13.29 -49.26 5.75
CA LEU A 614 -14.63 -48.72 5.94
C LEU A 614 -14.75 -47.41 5.18
N VAL A 615 -15.66 -47.38 4.21
CA VAL A 615 -15.87 -46.22 3.35
C VAL A 615 -17.38 -45.97 3.26
N ALA A 616 -17.77 -44.72 3.47
CA ALA A 616 -19.18 -44.32 3.38
C ALA A 616 -19.27 -42.97 2.69
N VAL A 617 -20.29 -42.81 1.85
CA VAL A 617 -20.52 -41.51 1.21
C VAL A 617 -21.42 -40.66 2.10
N LEU A 618 -21.35 -39.35 1.89
CA LEU A 618 -22.13 -38.39 2.65
C LEU A 618 -22.90 -37.47 1.70
N GLN A 619 -24.19 -37.31 1.96
CA GLN A 619 -25.03 -36.40 1.21
C GLN A 619 -26.19 -35.96 2.10
N GLN A 620 -26.68 -34.75 1.86
CA GLN A 620 -27.79 -34.14 2.61
C GLN A 620 -27.72 -34.48 4.09
N GLY A 621 -26.52 -34.34 4.66
CA GLY A 621 -26.33 -34.60 6.08
C GLY A 621 -26.63 -36.03 6.50
N SER A 622 -26.33 -37.00 5.63
CA SER A 622 -26.62 -38.39 5.94
C SER A 622 -25.70 -39.28 5.09
N VAL A 623 -25.58 -40.53 5.52
CA VAL A 623 -24.78 -41.53 4.83
C VAL A 623 -25.73 -42.57 4.23
N SER A 624 -25.64 -42.76 2.91
CA SER A 624 -26.51 -43.72 2.25
C SER A 624 -26.17 -45.14 2.66
N GLU A 625 -24.88 -45.46 2.73
CA GLU A 625 -24.42 -46.80 3.08
C GLU A 625 -23.39 -46.73 4.18
N ILE A 626 -23.30 -47.80 4.95
CA ILE A 626 -22.31 -47.95 6.01
C ILE A 626 -21.67 -49.32 5.87
N GLY A 627 -20.36 -49.35 5.74
CA GLY A 627 -19.65 -50.61 5.61
C GLY A 627 -18.33 -50.41 4.87
N THR A 628 -17.81 -51.53 4.37
CA THR A 628 -16.50 -51.56 3.72
C THR A 628 -16.62 -51.08 2.28
N HIS A 629 -15.57 -51.32 1.50
CA HIS A 629 -15.54 -50.85 0.12
C HIS A 629 -16.60 -51.55 -0.72
N ASP A 630 -17.06 -50.85 -1.75
CA ASP A 630 -18.18 -51.27 -2.58
C ASP A 630 -17.95 -50.72 -3.98
N GLU A 631 -19.02 -50.60 -4.75
CA GLU A 631 -18.98 -50.11 -6.13
C GLU A 631 -18.98 -48.58 -6.18
N LEU A 632 -18.43 -47.94 -5.16
CA LEU A 632 -18.54 -46.50 -4.97
C LEU A 632 -17.73 -45.73 -6.00
N PHE A 633 -18.18 -45.76 -7.25
CA PHE A 633 -17.57 -45.00 -8.32
C PHE A 633 -18.66 -44.59 -9.29
N SER A 634 -18.32 -43.64 -10.18
CA SER A 634 -19.27 -43.07 -11.13
C SER A 634 -20.46 -42.45 -10.42
N LYS A 635 -20.21 -41.88 -9.25
CA LYS A 635 -21.21 -41.22 -8.43
C LYS A 635 -20.74 -39.82 -8.05
N GLY A 636 -20.27 -39.09 -9.04
CA GLY A 636 -19.66 -37.79 -8.82
C GLY A 636 -18.16 -37.79 -8.81
N GLU A 637 -17.52 -38.91 -9.14
CA GLU A 637 -16.07 -38.99 -9.12
C GLU A 637 -15.46 -38.01 -10.12
N ASN A 638 -14.39 -37.34 -9.69
CA ASN A 638 -13.70 -36.35 -10.52
C ASN A 638 -12.23 -36.36 -10.13
N GLY A 639 -11.52 -35.32 -10.55
CA GLY A 639 -10.10 -35.20 -10.25
C GLY A 639 -9.83 -34.72 -8.84
N LYS A 717 28.79 8.86 -0.71
CA LYS A 717 27.49 9.27 -1.22
C LYS A 717 27.36 8.94 -2.71
N LEU A 718 26.12 8.85 -3.19
CA LEU A 718 25.87 8.56 -4.59
C LEU A 718 26.36 9.72 -5.47
N ALA A 719 26.75 9.39 -6.69
CA ALA A 719 27.29 10.38 -7.61
C ALA A 719 26.27 11.49 -7.85
N PHE A 720 26.77 12.72 -7.97
CA PHE A 720 25.92 13.89 -8.11
C PHE A 720 26.04 14.58 -9.46
N LYS A 721 27.13 14.32 -10.21
CA LYS A 721 27.26 14.91 -11.54
C LYS A 721 26.23 14.30 -12.50
N ASP A 722 26.04 12.97 -12.44
CA ASP A 722 24.97 12.35 -13.21
C ASP A 722 23.62 12.88 -12.78
N GLN A 723 23.47 13.25 -11.50
CA GLN A 723 22.24 13.89 -11.05
C GLN A 723 22.03 15.22 -11.76
N ALA A 724 23.10 16.01 -11.93
CA ALA A 724 22.99 17.26 -12.65
C ALA A 724 22.64 17.03 -14.11
N ASN A 725 23.27 16.04 -14.75
CA ASN A 725 22.96 15.74 -16.15
C ASN A 725 21.51 15.32 -16.31
N SER A 726 21.03 14.48 -15.41
CA SER A 726 19.64 14.03 -15.48
C SER A 726 18.66 15.15 -15.15
N PHE A 727 19.04 16.07 -14.26
CA PHE A 727 18.24 17.26 -14.03
C PHE A 727 18.14 18.09 -15.30
N TRP A 728 19.25 18.22 -16.03
CA TRP A 728 19.23 18.91 -17.31
C TRP A 728 18.31 18.19 -18.29
N ARG A 729 18.33 16.86 -18.29
CA ARG A 729 17.43 16.11 -19.15
C ARG A 729 15.97 16.41 -18.83
N LEU A 730 15.62 16.39 -17.53
CA LEU A 730 14.26 16.70 -17.12
C LEU A 730 13.86 18.09 -17.57
N ALA A 731 14.71 19.09 -17.31
CA ALA A 731 14.40 20.45 -17.72
C ALA A 731 14.22 20.53 -19.23
N LYS A 732 15.03 19.77 -19.98
CA LYS A 732 14.88 19.75 -21.43
C LYS A 732 13.51 19.22 -21.84
N MET A 733 13.06 18.14 -21.19
CA MET A 733 11.71 17.68 -21.48
C MET A 733 10.64 18.67 -21.01
N ASN A 734 10.98 19.54 -20.07
CA ASN A 734 10.05 20.54 -19.56
C ASN A 734 10.09 21.83 -20.37
N SER A 735 10.77 21.80 -21.52
CA SER A 735 10.93 23.01 -22.33
C SER A 735 9.62 23.68 -22.73
N PRO A 736 8.60 22.96 -23.22
CA PRO A 736 7.42 23.67 -23.75
C PRO A 736 6.70 24.55 -22.74
N GLU A 737 6.84 24.30 -21.44
CA GLU A 737 6.17 25.09 -20.43
C GLU A 737 7.02 26.26 -19.95
N TRP A 738 8.16 26.51 -20.59
CA TRP A 738 9.12 27.48 -20.09
C TRP A 738 8.47 28.82 -19.78
N LYS A 739 7.60 29.28 -20.67
CA LYS A 739 6.95 30.58 -20.46
C LYS A 739 6.28 30.62 -19.09
N TYR A 740 5.43 29.64 -18.81
CA TYR A 740 4.80 29.58 -17.49
C TYR A 740 5.84 29.60 -16.40
N ALA A 741 6.85 28.73 -16.51
CA ALA A 741 7.92 28.72 -15.53
C ALA A 741 8.48 30.12 -15.34
N LEU A 742 8.82 30.79 -16.44
CA LEU A 742 9.35 32.14 -16.33
C LEU A 742 8.40 33.01 -15.54
N LEU A 743 7.13 33.03 -15.93
CA LEU A 743 6.17 33.85 -15.20
C LEU A 743 6.11 33.43 -13.75
N GLY A 744 6.06 32.12 -13.49
CA GLY A 744 6.07 31.67 -12.12
C GLY A 744 7.29 32.18 -11.38
N SER A 745 8.46 32.05 -12.01
CA SER A 745 9.68 32.58 -11.41
C SER A 745 9.49 34.03 -11.01
N VAL A 746 8.97 34.85 -11.92
CA VAL A 746 8.77 36.25 -11.63
C VAL A 746 7.90 36.39 -10.38
N GLY A 747 6.76 35.71 -10.36
CA GLY A 747 5.89 35.80 -9.20
C GLY A 747 6.65 35.46 -7.94
N SER A 748 7.44 34.39 -8.00
CA SER A 748 8.17 33.97 -6.81
C SER A 748 8.98 35.11 -6.23
N VAL A 749 9.80 35.78 -7.06
CA VAL A 749 10.67 36.80 -6.48
C VAL A 749 9.83 37.86 -5.82
N ILE A 750 8.76 38.30 -6.49
CA ILE A 750 7.93 39.34 -5.91
C ILE A 750 7.40 38.89 -4.57
N CYS A 751 6.85 37.68 -4.53
CA CYS A 751 6.35 37.16 -3.26
C CYS A 751 7.43 37.23 -2.20
N GLY A 752 8.62 36.70 -2.52
CA GLY A 752 9.70 36.75 -1.56
C GLY A 752 9.96 38.16 -1.11
N SER A 753 10.10 39.08 -2.07
CA SER A 753 10.36 40.47 -1.72
C SER A 753 9.31 40.96 -0.73
N LEU A 754 8.03 40.76 -1.06
CA LEU A 754 6.99 41.29 -0.19
C LEU A 754 7.12 40.71 1.21
N SER A 755 7.40 39.42 1.32
CA SER A 755 7.56 38.84 2.65
C SER A 755 8.63 39.60 3.41
N ALA A 756 9.82 39.74 2.82
CA ALA A 756 10.87 40.49 3.48
C ALA A 756 10.43 41.93 3.69
N PHE A 757 9.79 42.52 2.67
CA PHE A 757 9.27 43.87 2.83
C PHE A 757 8.41 43.97 4.07
N PHE A 758 7.51 43.01 4.26
CA PHE A 758 6.63 43.04 5.42
C PHE A 758 7.45 43.15 6.69
N ALA A 759 8.47 42.31 6.82
CA ALA A 759 9.34 42.37 8.00
C ALA A 759 9.85 43.78 8.21
N TYR A 760 10.43 44.36 7.16
CA TYR A 760 11.01 45.70 7.30
C TYR A 760 9.99 46.66 7.85
N VAL A 761 8.76 46.61 7.34
CA VAL A 761 7.75 47.57 7.80
C VAL A 761 7.61 47.49 9.29
N LEU A 762 7.42 46.28 9.82
CA LEU A 762 7.33 46.12 11.28
C LEU A 762 8.52 46.77 11.94
N SER A 763 9.73 46.40 11.50
CA SER A 763 10.95 47.00 12.01
C SER A 763 10.82 48.52 12.04
N ALA A 764 10.56 49.11 10.87
CA ALA A 764 10.49 50.57 10.80
C ALA A 764 9.48 51.10 11.79
N VAL A 765 8.29 50.49 11.82
CA VAL A 765 7.24 51.00 12.70
C VAL A 765 7.71 50.95 14.14
N LEU A 766 8.34 49.84 14.53
CA LEU A 766 8.85 49.74 15.90
C LEU A 766 9.85 50.86 16.16
N SER A 767 10.79 51.06 15.23
CA SER A 767 11.77 52.12 15.40
C SER A 767 11.08 53.48 15.52
N VAL A 768 9.95 53.65 14.83
CA VAL A 768 9.25 54.92 14.89
C VAL A 768 8.63 55.13 16.26
N TYR A 769 8.17 54.05 16.90
CA TYR A 769 7.49 54.19 18.19
C TYR A 769 8.37 54.86 19.23
N TYR A 770 9.67 54.60 19.20
CA TYR A 770 10.58 55.22 20.15
C TYR A 770 11.23 56.47 19.55
N ASN A 771 10.38 57.40 19.16
CA ASN A 771 10.79 58.67 18.60
C ASN A 771 10.05 59.79 19.33
N PRO A 772 10.74 60.85 19.72
CA PRO A 772 10.05 61.92 20.46
C PRO A 772 9.05 62.70 19.62
N ASP A 773 9.42 63.08 18.40
CA ASP A 773 8.56 63.90 17.55
C ASP A 773 7.32 63.09 17.17
N HIS A 774 6.19 63.44 17.78
CA HIS A 774 4.97 62.65 17.55
C HIS A 774 4.36 62.94 16.17
N GLU A 775 4.57 64.15 15.66
CA GLU A 775 4.05 64.46 14.32
C GLU A 775 4.81 63.68 13.25
N TYR A 776 6.13 63.62 13.37
CA TYR A 776 6.92 62.79 12.48
C TYR A 776 6.55 61.33 12.62
N MET A 777 6.27 60.90 13.85
CA MET A 777 5.71 59.57 14.08
C MET A 777 4.44 59.37 13.26
N ILE A 778 3.52 60.33 13.30
CA ILE A 778 2.25 60.19 12.59
C ILE A 778 2.50 60.06 11.09
N LYS A 779 3.37 60.91 10.55
CA LYS A 779 3.65 60.82 9.12
C LYS A 779 4.24 59.47 8.75
N GLN A 780 5.21 58.99 9.51
CA GLN A 780 5.84 57.71 9.19
C GLN A 780 4.84 56.56 9.29
N ILE A 781 4.01 56.58 10.34
CA ILE A 781 3.03 55.52 10.53
C ILE A 781 2.03 55.52 9.38
N ASP A 782 1.55 56.69 8.99
CA ASP A 782 0.59 56.77 7.88
C ASP A 782 1.23 56.26 6.60
N LYS A 783 2.47 56.67 6.33
CA LYS A 783 3.14 56.21 5.12
C LYS A 783 3.27 54.69 5.09
N TYR A 784 3.75 54.11 6.19
CA TYR A 784 3.96 52.67 6.21
C TYR A 784 2.64 51.91 6.14
N CYS A 785 1.61 52.38 6.83
CA CYS A 785 0.32 51.71 6.78
C CYS A 785 -0.28 51.77 5.38
N TYR A 786 -0.19 52.93 4.73
CA TYR A 786 -0.71 53.05 3.37
C TYR A 786 0.04 52.12 2.42
N LEU A 787 1.37 52.06 2.57
CA LEU A 787 2.16 51.21 1.70
C LEU A 787 1.83 49.74 1.92
N LEU A 788 1.62 49.35 3.18
CA LEU A 788 1.27 47.97 3.50
C LEU A 788 -0.09 47.61 2.89
N ILE A 789 -1.07 48.51 3.04
CA ILE A 789 -2.38 48.25 2.44
C ILE A 789 -2.27 48.14 0.92
N GLY A 790 -1.47 49.01 0.31
CA GLY A 790 -1.30 48.94 -1.14
C GLY A 790 -0.69 47.63 -1.58
N LEU A 791 0.32 47.14 -0.86
CA LEU A 791 1.02 45.93 -1.26
C LEU A 791 0.29 44.65 -0.88
N SER A 792 -0.75 44.73 -0.03
CA SER A 792 -1.53 43.54 0.28
C SER A 792 -2.12 42.91 -0.97
N SER A 793 -2.71 43.74 -1.84
CA SER A 793 -3.32 43.22 -3.06
C SER A 793 -2.27 42.61 -3.99
N ALA A 794 -1.09 43.24 -4.06
CA ALA A 794 -0.01 42.67 -4.85
C ALA A 794 0.40 41.30 -4.31
N ALA A 795 0.44 41.18 -2.98
CA ALA A 795 0.75 39.89 -2.38
C ALA A 795 -0.26 38.84 -2.80
N LEU A 796 -1.55 39.17 -2.71
CA LEU A 796 -2.60 38.24 -3.13
C LEU A 796 -2.40 37.80 -4.58
N VAL A 797 -2.30 38.78 -5.48
CA VAL A 797 -2.25 38.49 -6.90
C VAL A 797 -1.02 37.65 -7.24
N PHE A 798 0.12 38.00 -6.68
CA PHE A 798 1.36 37.35 -7.08
C PHE A 798 1.50 35.98 -6.45
N ASN A 799 0.98 35.78 -5.23
CA ASN A 799 0.90 34.43 -4.68
C ASN A 799 0.06 33.54 -5.59
N THR A 800 -1.13 34.01 -5.99
CA THR A 800 -1.96 33.21 -6.87
C THR A 800 -1.24 32.88 -8.17
N LEU A 801 -0.64 33.89 -8.79
CA LEU A 801 0.03 33.69 -10.07
C LEU A 801 1.18 32.70 -9.94
N GLN A 802 2.05 32.90 -8.95
CA GLN A 802 3.20 32.03 -8.79
C GLN A 802 2.78 30.58 -8.59
N HIS A 803 1.87 30.34 -7.65
CA HIS A 803 1.51 28.96 -7.36
C HIS A 803 0.77 28.31 -8.53
N SER A 804 -0.14 29.05 -9.17
CA SER A 804 -0.87 28.49 -10.31
C SER A 804 0.09 28.11 -11.43
N PHE A 805 1.03 28.99 -11.78
CA PHE A 805 1.90 28.71 -12.90
C PHE A 805 2.89 27.60 -12.58
N TRP A 806 3.42 27.59 -11.35
CA TRP A 806 4.35 26.52 -10.99
C TRP A 806 3.68 25.16 -10.98
N ASP A 807 2.45 25.12 -10.46
CA ASP A 807 1.74 23.81 -10.35
C ASP A 807 1.34 23.34 -11.74
N ILE A 808 0.92 24.26 -12.62
CA ILE A 808 0.56 23.89 -14.02
C ILE A 808 1.79 23.27 -14.69
N VAL A 809 2.95 23.93 -14.58
CA VAL A 809 4.20 23.41 -15.21
C VAL A 809 4.45 21.99 -14.68
N GLY A 810 4.35 21.80 -13.36
CA GLY A 810 4.60 20.48 -12.77
C GLY A 810 3.64 19.44 -13.32
N GLU A 811 2.34 19.77 -13.39
CA GLU A 811 1.32 18.80 -13.87
C GLU A 811 1.66 18.39 -15.31
N ASN A 812 2.00 19.36 -16.15
CA ASN A 812 2.35 19.06 -17.56
C ASN A 812 3.56 18.11 -17.58
N LEU A 813 4.60 18.44 -16.81
CA LEU A 813 5.81 17.58 -16.74
C LEU A 813 5.41 16.19 -16.25
N THR A 814 4.62 16.11 -15.18
CA THR A 814 4.21 14.81 -14.61
C THR A 814 3.50 13.99 -15.69
N LYS A 815 2.49 14.57 -16.34
CA LYS A 815 1.71 13.84 -17.36
C LYS A 815 2.64 13.43 -18.50
N ARG A 816 3.50 14.36 -18.97
CA ARG A 816 4.42 14.06 -20.09
C ARG A 816 5.32 12.88 -19.71
N VAL A 817 5.90 12.92 -18.51
CA VAL A 817 6.78 11.81 -18.03
C VAL A 817 5.96 10.52 -18.02
N ARG A 818 4.77 10.56 -17.44
CA ARG A 818 3.91 9.35 -17.36
C ARG A 818 3.73 8.76 -18.76
N GLU A 819 3.37 9.59 -19.75
CA GLU A 819 3.15 9.04 -21.09
C GLU A 819 4.41 8.40 -21.63
N LYS A 820 5.56 9.07 -21.47
CA LYS A 820 6.81 8.51 -21.99
C LYS A 820 7.16 7.21 -21.26
N MET A 821 6.94 7.18 -19.95
CA MET A 821 7.17 5.99 -19.15
C MET A 821 6.34 4.82 -19.65
N LEU A 822 5.03 5.05 -19.85
CA LEU A 822 4.16 3.98 -20.29
C LEU A 822 4.54 3.50 -21.70
N SER A 823 4.88 4.44 -22.58
CA SER A 823 5.27 4.05 -23.92
C SER A 823 6.54 3.21 -23.90
N ALA A 824 7.51 3.61 -23.08
CA ALA A 824 8.74 2.83 -22.97
C ALA A 824 8.47 1.45 -22.41
N VAL A 825 7.58 1.35 -21.43
CA VAL A 825 7.21 0.04 -20.88
C VAL A 825 6.59 -0.83 -21.96
N LEU A 826 5.66 -0.26 -22.73
CA LEU A 826 4.95 -1.05 -23.74
C LEU A 826 5.89 -1.49 -24.84
N LYS A 827 6.89 -0.67 -25.19
CA LYS A 827 7.85 -1.07 -26.20
C LYS A 827 8.72 -2.24 -25.73
N ASN A 828 8.82 -2.46 -24.43
CA ASN A 828 9.63 -3.56 -23.91
C ASN A 828 9.00 -4.90 -24.27
N GLU A 829 9.79 -5.95 -24.11
CA GLU A 829 9.34 -7.31 -24.41
C GLU A 829 9.01 -8.05 -23.12
N MET A 830 8.21 -9.10 -23.28
CA MET A 830 7.72 -9.90 -22.15
C MET A 830 8.85 -10.60 -21.41
N ALA A 831 9.99 -10.86 -22.07
CA ALA A 831 11.13 -11.40 -21.34
C ALA A 831 11.56 -10.48 -20.22
N TRP A 832 11.24 -9.19 -20.35
CA TRP A 832 11.34 -8.26 -19.23
C TRP A 832 10.08 -8.24 -18.38
N PHE A 833 8.92 -8.50 -18.98
CA PHE A 833 7.67 -8.45 -18.23
C PHE A 833 7.57 -9.61 -17.24
N ASP A 834 7.86 -10.83 -17.71
CA ASP A 834 7.77 -11.98 -16.82
C ASP A 834 8.82 -11.95 -15.73
N GLN A 835 9.93 -11.26 -15.97
CA GLN A 835 10.99 -11.13 -14.98
C GLN A 835 10.45 -10.48 -13.71
N GLU A 836 10.90 -10.98 -12.57
CA GLU A 836 10.52 -10.41 -11.29
C GLU A 836 10.91 -8.94 -11.22
N GLU A 837 10.26 -8.20 -10.33
CA GLU A 837 10.39 -6.75 -10.18
C GLU A 837 9.70 -6.01 -11.33
N ASN A 838 8.98 -6.73 -12.19
CA ASN A 838 8.18 -6.10 -13.22
C ASN A 838 6.73 -6.53 -13.12
N GLU A 839 6.25 -6.78 -11.91
CA GLU A 839 4.85 -7.13 -11.69
C GLU A 839 3.97 -5.89 -11.86
N SER A 840 2.72 -6.14 -12.27
CA SER A 840 1.83 -5.06 -12.67
C SER A 840 1.63 -4.04 -11.56
N ALA A 841 1.29 -4.53 -10.36
CA ALA A 841 1.08 -3.61 -9.25
C ALA A 841 2.36 -2.83 -8.93
N ARG A 842 3.50 -3.51 -8.97
CA ARG A 842 4.77 -2.84 -8.70
C ARG A 842 5.07 -1.81 -9.77
N ILE A 843 4.77 -2.13 -11.04
CA ILE A 843 4.98 -1.17 -12.12
C ILE A 843 4.11 0.06 -11.92
N ALA A 844 2.84 -0.15 -11.55
CA ALA A 844 1.94 0.98 -11.33
C ALA A 844 2.42 1.83 -10.16
N ALA A 845 2.92 1.19 -9.10
CA ALA A 845 3.47 1.92 -7.97
C ALA A 845 4.67 2.75 -8.41
N ARG A 846 5.54 2.17 -9.23
CA ARG A 846 6.66 2.91 -9.80
C ARG A 846 6.17 4.14 -10.54
N LEU A 847 5.20 3.94 -11.44
CA LEU A 847 4.68 5.04 -12.25
C LEU A 847 4.16 6.17 -11.39
N ALA A 848 3.32 5.85 -10.40
CA ALA A 848 2.75 6.91 -9.57
C ALA A 848 3.82 7.61 -8.73
N LEU A 849 4.61 6.83 -7.99
CA LEU A 849 5.53 7.39 -7.02
C LEU A 849 6.60 8.23 -7.71
N ASP A 850 7.24 7.67 -8.73
CA ASP A 850 8.33 8.38 -9.38
C ASP A 850 7.80 9.65 -10.04
N ALA A 851 6.65 9.58 -10.70
CA ALA A 851 6.11 10.77 -11.33
C ALA A 851 5.88 11.89 -10.32
N ASN A 852 5.19 11.58 -9.22
CA ASN A 852 4.84 12.65 -8.28
C ASN A 852 6.09 13.23 -7.61
N ASN A 853 7.03 12.37 -7.21
CA ASN A 853 8.17 12.96 -6.52
C ASN A 853 9.12 13.66 -7.47
N VAL A 854 9.13 13.29 -8.76
CA VAL A 854 9.91 14.05 -9.74
C VAL A 854 9.31 15.45 -9.95
N ARG A 855 7.98 15.52 -10.11
CA ARG A 855 7.39 16.85 -10.29
C ARG A 855 7.65 17.72 -9.07
N SER A 856 7.56 17.13 -7.88
CA SER A 856 7.92 17.89 -6.68
C SER A 856 9.38 18.36 -6.76
N ALA A 857 10.31 17.43 -7.00
CA ALA A 857 11.73 17.72 -6.93
C ALA A 857 12.19 18.70 -7.99
N ILE A 858 11.38 18.96 -9.01
CA ILE A 858 11.66 20.03 -9.98
C ILE A 858 10.96 21.33 -9.61
N GLY A 859 9.62 21.31 -9.57
CA GLY A 859 8.91 22.56 -9.38
C GLY A 859 9.15 23.18 -8.02
N ASP A 860 8.99 22.39 -6.95
CA ASP A 860 9.19 22.92 -5.62
C ASP A 860 10.62 23.39 -5.43
N ARG A 861 11.58 22.63 -5.97
CA ARG A 861 12.98 23.03 -5.84
C ARG A 861 13.23 24.39 -6.47
N ILE A 862 12.78 24.58 -7.72
CA ILE A 862 13.04 25.86 -8.36
C ILE A 862 12.32 26.99 -7.63
N SER A 863 11.06 26.79 -7.25
CA SER A 863 10.31 27.84 -6.59
C SER A 863 10.98 28.24 -5.28
N VAL A 864 11.38 27.26 -4.48
CA VAL A 864 12.03 27.55 -3.20
C VAL A 864 13.35 28.27 -3.42
N ILE A 865 14.21 27.73 -4.29
CA ILE A 865 15.53 28.31 -4.51
C ILE A 865 15.45 29.71 -5.06
N VAL A 866 14.39 30.07 -5.77
CA VAL A 866 14.28 31.42 -6.29
C VAL A 866 13.67 32.34 -5.23
N GLN A 867 12.58 31.89 -4.60
CA GLN A 867 11.84 32.76 -3.70
C GLN A 867 12.64 33.10 -2.46
N ASN A 868 13.22 32.09 -1.81
CA ASN A 868 13.99 32.37 -0.61
C ASN A 868 15.28 33.13 -0.95
N THR A 869 15.84 32.89 -2.13
CA THR A 869 16.99 33.68 -2.56
C THR A 869 16.64 35.15 -2.64
N ALA A 870 15.52 35.47 -3.31
CA ALA A 870 15.12 36.88 -3.40
C ALA A 870 14.84 37.46 -2.02
N LEU A 871 14.15 36.70 -1.16
CA LEU A 871 13.81 37.19 0.16
C LEU A 871 15.05 37.52 0.97
N MET A 872 15.99 36.57 1.06
CA MET A 872 17.18 36.83 1.87
C MET A 872 18.06 37.87 1.22
N LEU A 873 18.02 37.97 -0.12
CA LEU A 873 18.80 38.98 -0.80
C LEU A 873 18.35 40.38 -0.42
N VAL A 874 17.05 40.64 -0.52
CA VAL A 874 16.56 41.98 -0.18
C VAL A 874 16.68 42.23 1.32
N ALA A 875 16.45 41.21 2.15
CA ALA A 875 16.57 41.38 3.58
C ALA A 875 17.99 41.73 3.98
N CYS A 876 18.97 40.98 3.47
CA CYS A 876 20.36 41.25 3.80
C CYS A 876 20.81 42.57 3.20
N THR A 877 20.25 42.96 2.06
CA THR A 877 20.57 44.28 1.50
C THR A 877 20.17 45.38 2.46
N ALA A 878 18.92 45.35 2.94
CA ALA A 878 18.48 46.35 3.89
C ALA A 878 19.32 46.32 5.15
N GLY A 879 19.58 45.12 5.67
CA GLY A 879 20.36 45.00 6.89
C GLY A 879 21.77 45.56 6.73
N PHE A 880 22.41 45.26 5.61
CA PHE A 880 23.77 45.74 5.39
C PHE A 880 23.80 47.26 5.28
N VAL A 881 22.94 47.83 4.41
CA VAL A 881 22.97 49.27 4.20
C VAL A 881 22.56 50.01 5.47
N LEU A 882 21.86 49.34 6.39
CA LEU A 882 21.58 49.99 7.66
C LEU A 882 22.77 49.89 8.61
N GLN A 883 23.18 48.67 8.97
CA GLN A 883 24.37 48.49 9.80
C GLN A 883 25.04 47.17 9.42
N TRP A 884 26.00 47.25 8.50
CA TRP A 884 26.64 46.05 7.96
C TRP A 884 27.20 45.13 9.04
N ARG A 885 27.71 45.68 10.15
CA ARG A 885 28.30 44.80 11.17
C ARG A 885 27.25 43.87 11.78
N LEU A 886 26.16 44.46 12.27
CA LEU A 886 25.09 43.65 12.84
C LEU A 886 24.47 42.75 11.78
N ALA A 887 24.35 43.25 10.55
CA ALA A 887 23.84 42.43 9.47
C ALA A 887 24.71 41.22 9.24
N LEU A 888 26.04 41.40 9.30
CA LEU A 888 26.96 40.29 9.08
C LEU A 888 26.83 39.25 10.18
N VAL A 889 26.73 39.70 11.43
CA VAL A 889 26.56 38.76 12.53
C VAL A 889 25.27 37.96 12.36
N LEU A 890 24.18 38.66 12.03
CA LEU A 890 22.89 37.98 11.89
C LEU A 890 22.88 37.07 10.67
N VAL A 891 23.57 37.44 9.60
CA VAL A 891 23.69 36.53 8.46
C VAL A 891 24.47 35.29 8.85
N ALA A 892 25.48 35.45 9.71
CA ALA A 892 26.21 34.28 10.21
C ALA A 892 25.29 33.35 10.98
N VAL A 893 24.42 33.90 11.83
CA VAL A 893 23.52 33.07 12.63
C VAL A 893 22.25 32.68 11.88
N PHE A 894 22.05 33.18 10.66
CA PHE A 894 20.81 32.95 9.91
C PHE A 894 20.48 31.47 9.70
N PRO A 895 21.40 30.60 9.25
CA PRO A 895 21.02 29.20 9.04
C PRO A 895 20.51 28.52 10.29
N VAL A 896 21.06 28.88 11.46
CA VAL A 896 20.63 28.26 12.70
C VAL A 896 19.16 28.57 12.98
N VAL A 897 18.79 29.85 12.86
CA VAL A 897 17.41 30.22 13.17
C VAL A 897 16.45 29.65 12.13
N VAL A 898 16.90 29.58 10.86
CA VAL A 898 16.04 28.97 9.84
C VAL A 898 15.80 27.50 10.15
N ALA A 899 16.86 26.78 10.51
CA ALA A 899 16.70 25.37 10.85
C ALA A 899 15.80 25.20 12.08
N ALA A 900 15.96 26.07 13.07
CA ALA A 900 15.13 25.97 14.26
C ALA A 900 13.66 26.19 13.94
N THR A 901 13.34 27.16 13.09
CA THR A 901 11.95 27.39 12.75
C THR A 901 11.39 26.25 11.90
N VAL A 902 12.22 25.68 11.03
CA VAL A 902 11.80 24.49 10.27
C VAL A 902 11.46 23.36 11.23
N LEU A 903 12.29 23.17 12.26
CA LEU A 903 12.02 22.14 13.25
C LEU A 903 10.75 22.44 14.04
N GLN A 904 10.47 23.72 14.30
CA GLN A 904 9.21 24.07 14.95
C GLN A 904 8.03 23.65 14.10
N LYS A 905 8.08 23.92 12.79
CA LYS A 905 7.00 23.49 11.90
C LYS A 905 6.86 21.97 11.91
N MET A 906 7.99 21.26 11.84
CA MET A 906 7.94 19.80 11.86
C MET A 906 7.36 19.27 13.17
N PHE A 907 7.72 19.89 14.29
CA PHE A 907 7.13 19.52 15.58
C PHE A 907 5.62 19.74 15.55
N MET A 908 5.17 20.85 14.96
CA MET A 908 3.75 21.06 14.77
C MET A 908 3.13 19.89 14.01
N THR A 909 3.83 19.41 12.98
CA THR A 909 3.34 18.23 12.25
C THR A 909 3.39 16.98 13.11
N GLY A 910 4.49 16.76 13.80
CA GLY A 910 4.64 15.57 14.63
C GLY A 910 5.87 14.77 14.25
N PHE A 911 6.61 14.33 15.28
CA PHE A 911 7.86 13.62 15.09
C PHE A 911 7.70 12.10 15.09
N SER A 912 6.49 11.59 15.29
CA SER A 912 6.28 10.15 15.30
C SER A 912 6.53 9.58 13.91
N GLY A 913 7.30 8.49 13.86
CA GLY A 913 7.62 7.83 12.62
C GLY A 913 6.43 7.12 12.03
N ASP A 914 6.72 6.26 11.05
CA ASP A 914 5.68 5.47 10.40
C ASP A 914 5.45 4.23 11.24
N LEU A 915 4.47 4.31 12.14
CA LEU A 915 4.26 3.24 13.13
C LEU A 915 3.87 1.93 12.47
N GLU A 916 3.01 1.98 11.45
CA GLU A 916 2.55 0.75 10.81
C GLU A 916 3.72 0.00 10.17
N ALA A 917 4.68 0.72 9.61
CA ALA A 917 5.91 0.08 9.13
C ALA A 917 6.71 -0.48 10.30
N ALA A 918 6.77 0.25 11.41
CA ALA A 918 7.53 -0.20 12.57
C ALA A 918 6.94 -1.47 13.16
N HIS A 919 5.62 -1.59 13.14
CA HIS A 919 4.92 -2.75 13.66
C HIS A 919 4.52 -3.73 12.56
N ALA A 920 5.09 -3.60 11.37
CA ALA A 920 4.62 -4.38 10.23
C ALA A 920 4.78 -5.88 10.44
N LYS A 921 5.92 -6.30 11.00
CA LYS A 921 6.17 -7.72 11.20
C LYS A 921 5.17 -8.32 12.17
N GLY A 922 5.03 -7.70 13.34
CA GLY A 922 4.02 -8.16 14.29
C GLY A 922 2.63 -8.03 13.72
N THR A 923 2.38 -6.99 12.93
CA THR A 923 1.08 -6.81 12.31
C THR A 923 0.71 -8.02 11.45
N GLN A 924 1.62 -8.42 10.54
CA GLN A 924 1.29 -9.53 9.66
C GLN A 924 1.28 -10.86 10.41
N LEU A 925 2.11 -11.02 11.44
CA LEU A 925 2.04 -12.23 12.24
C LEU A 925 0.68 -12.33 12.93
N ALA A 926 0.20 -11.24 13.51
CA ALA A 926 -1.11 -11.24 14.16
C ALA A 926 -2.22 -11.48 13.14
N GLY A 927 -2.11 -10.88 11.95
CA GLY A 927 -3.11 -11.12 10.94
C GLY A 927 -3.18 -12.57 10.50
N GLU A 928 -2.02 -13.20 10.31
CA GLU A 928 -1.99 -14.61 9.97
C GLU A 928 -2.57 -15.46 11.09
N ALA A 929 -2.22 -15.15 12.33
CA ALA A 929 -2.77 -15.92 13.45
C ALA A 929 -4.27 -15.77 13.55
N ILE A 930 -4.78 -14.56 13.34
CA ILE A 930 -6.22 -14.32 13.45
C ILE A 930 -6.97 -15.04 12.33
N ALA A 931 -6.48 -14.90 11.09
CA ALA A 931 -7.16 -15.54 9.97
C ALA A 931 -7.13 -17.05 10.09
N ASN A 932 -6.06 -17.60 10.63
CA ASN A 932 -5.87 -19.04 10.78
C ASN A 932 -6.16 -19.50 12.20
N VAL A 933 -7.15 -18.89 12.85
CA VAL A 933 -7.43 -19.17 14.25
C VAL A 933 -7.81 -20.63 14.47
N ARG A 934 -8.41 -21.26 13.46
CA ARG A 934 -8.81 -22.65 13.61
C ARG A 934 -7.60 -23.55 13.86
N THR A 935 -6.54 -23.35 13.09
CA THR A 935 -5.34 -24.16 13.28
C THR A 935 -4.69 -23.87 14.63
N VAL A 936 -4.69 -22.61 15.05
CA VAL A 936 -4.12 -22.26 16.36
C VAL A 936 -4.88 -22.97 17.46
N ALA A 937 -6.21 -22.96 17.39
CA ALA A 937 -7.00 -23.69 18.37
C ALA A 937 -6.74 -25.18 18.30
N ALA A 938 -6.48 -25.70 17.09
CA ALA A 938 -6.25 -27.13 16.93
C ALA A 938 -5.03 -27.57 17.71
N PHE A 939 -3.98 -26.77 17.72
CA PHE A 939 -2.76 -27.07 18.45
C PHE A 939 -2.68 -26.34 19.78
N ASN A 940 -3.77 -25.68 20.19
CA ASN A 940 -3.84 -24.87 21.42
C ASN A 940 -2.55 -24.09 21.65
N SER A 941 -2.09 -23.42 20.58
CA SER A 941 -0.83 -22.72 20.58
C SER A 941 -1.00 -21.21 20.71
N GLU A 942 -2.07 -20.76 21.39
CA GLU A 942 -2.29 -19.33 21.55
C GLU A 942 -1.19 -18.70 22.38
N ALA A 943 -0.71 -19.41 23.41
CA ALA A 943 0.36 -18.86 24.24
C ALA A 943 1.63 -18.66 23.45
N LYS A 944 2.00 -19.63 22.61
CA LYS A 944 3.20 -19.48 21.78
C LYS A 944 3.05 -18.34 20.79
N ILE A 945 1.86 -18.20 20.20
CA ILE A 945 1.62 -17.11 19.26
C ILE A 945 1.75 -15.77 19.96
N VAL A 946 1.20 -15.65 21.17
CA VAL A 946 1.30 -14.41 21.92
C VAL A 946 2.75 -14.11 22.27
N ARG A 947 3.52 -15.13 22.66
CA ARG A 947 4.92 -14.93 22.97
C ARG A 947 5.70 -14.44 21.75
N LEU A 948 5.44 -15.05 20.59
CA LEU A 948 6.09 -14.59 19.37
C LEU A 948 5.68 -13.16 19.02
N TYR A 949 4.42 -12.82 19.23
CA TYR A 949 3.97 -11.44 19.00
C TYR A 949 4.71 -10.47 19.91
N THR A 950 4.86 -10.82 21.18
CA THR A 950 5.60 -9.96 22.11
C THR A 950 7.06 -9.80 21.67
N ALA A 951 7.69 -10.91 21.27
CA ALA A 951 9.07 -10.84 20.82
C ALA A 951 9.20 -9.98 19.58
N ASN A 952 8.23 -10.08 18.67
CA ASN A 952 8.24 -9.22 17.48
C ASN A 952 8.08 -7.76 17.85
N LEU A 953 7.22 -7.46 18.83
CA LEU A 953 6.92 -6.08 19.18
C LEU A 953 8.04 -5.41 19.98
N GLU A 954 8.85 -6.19 20.68
CA GLU A 954 9.84 -5.59 21.58
C GLU A 954 10.85 -4.68 20.87
N PRO A 955 11.54 -5.11 19.81
CA PRO A 955 12.53 -4.23 19.17
C PRO A 955 11.91 -2.94 18.63
N PRO A 956 10.71 -2.97 18.04
CA PRO A 956 10.07 -1.69 17.70
C PRO A 956 9.86 -0.80 18.90
N LEU A 957 9.53 -1.37 20.07
CA LEU A 957 9.37 -0.56 21.26
C LEU A 957 10.67 0.14 21.63
N LYS A 958 11.78 -0.62 21.66
CA LYS A 958 13.06 -0.01 22.02
C LYS A 958 13.48 1.03 20.99
N ARG A 959 13.29 0.74 19.70
CA ARG A 959 13.64 1.70 18.66
C ARG A 959 12.80 2.96 18.79
N CYS A 960 11.52 2.83 19.10
CA CYS A 960 10.67 3.99 19.30
C CYS A 960 11.14 4.81 20.48
N PHE A 961 11.55 4.16 21.57
CA PHE A 961 12.06 4.90 22.72
C PHE A 961 13.29 5.71 22.35
N TRP A 962 14.25 5.06 21.67
CA TRP A 962 15.48 5.78 21.32
C TRP A 962 15.20 6.90 20.32
N LYS A 963 14.29 6.66 19.37
CA LYS A 963 13.94 7.70 18.41
C LYS A 963 13.31 8.89 19.10
N GLY A 964 12.43 8.63 20.07
CA GLY A 964 11.85 9.73 20.83
C GLY A 964 12.89 10.52 21.60
N GLN A 965 13.83 9.81 22.24
CA GLN A 965 14.88 10.51 22.98
C GLN A 965 15.71 11.39 22.05
N ILE A 966 16.11 10.84 20.90
CA ILE A 966 16.93 11.59 19.96
C ILE A 966 16.17 12.81 19.44
N ALA A 967 14.91 12.62 19.06
CA ALA A 967 14.13 13.73 18.53
C ALA A 967 13.95 14.83 19.56
N GLY A 968 13.64 14.45 20.81
CA GLY A 968 13.48 15.46 21.84
C GLY A 968 14.75 16.24 22.10
N SER A 969 15.88 15.52 22.22
CA SER A 969 17.15 16.19 22.47
C SER A 969 17.51 17.13 21.32
N GLY A 970 17.36 16.67 20.08
CA GLY A 970 17.71 17.50 18.94
C GLY A 970 16.83 18.73 18.84
N TYR A 971 15.52 18.57 19.01
CA TYR A 971 14.63 19.72 18.93
C TYR A 971 14.94 20.73 20.03
N GLY A 972 15.19 20.24 21.25
CA GLY A 972 15.53 21.16 22.33
C GLY A 972 16.82 21.91 22.07
N VAL A 973 17.84 21.21 21.56
CA VAL A 973 19.11 21.86 21.27
C VAL A 973 18.92 22.93 20.19
N ALA A 974 18.13 22.61 19.16
CA ALA A 974 17.89 23.59 18.11
C ALA A 974 17.18 24.83 18.65
N GLN A 975 16.17 24.64 19.49
CA GLN A 975 15.47 25.79 20.05
C GLN A 975 16.39 26.62 20.93
N PHE A 976 17.21 25.95 21.74
CA PHE A 976 18.14 26.69 22.60
C PHE A 976 19.13 27.49 21.78
N CYS A 977 19.63 26.91 20.69
CA CYS A 977 20.54 27.64 19.82
C CYS A 977 19.85 28.84 19.18
N LEU A 978 18.58 28.68 18.79
CA LEU A 978 17.83 29.79 18.25
C LEU A 978 17.76 30.95 19.23
N TYR A 979 17.39 30.66 20.48
CA TYR A 979 17.26 31.73 21.46
C TYR A 979 18.61 32.32 21.85
N ALA A 980 19.66 31.49 21.88
CA ALA A 980 20.99 32.01 22.13
C ALA A 980 21.42 32.96 21.02
N SER A 981 21.10 32.63 19.77
CA SER A 981 21.40 33.53 18.67
C SER A 981 20.64 34.84 18.79
N TYR A 982 19.35 34.76 19.17
CA TYR A 982 18.60 35.98 19.43
C TYR A 982 19.31 36.85 20.45
N ALA A 983 19.67 36.27 21.60
CA ALA A 983 20.30 37.02 22.66
C ALA A 983 21.62 37.61 22.20
N LEU A 984 22.44 36.82 21.51
CA LEU A 984 23.75 37.28 21.06
C LEU A 984 23.61 38.46 20.10
N GLY A 985 22.74 38.32 19.10
CA GLY A 985 22.59 39.39 18.14
C GLY A 985 22.07 40.67 18.77
N LEU A 986 21.12 40.55 19.69
CA LEU A 986 20.52 41.75 20.26
C LEU A 986 21.47 42.42 21.25
N TRP A 987 22.23 41.62 22.02
CA TRP A 987 23.26 42.20 22.86
C TRP A 987 24.34 42.87 22.04
N TYR A 988 24.71 42.28 20.91
CA TYR A 988 25.71 42.91 20.06
C TYR A 988 25.19 44.22 19.49
N ALA A 989 23.91 44.28 19.17
CA ALA A 989 23.33 45.55 18.74
C ALA A 989 23.46 46.59 19.84
N SER A 990 23.18 46.21 21.09
CA SER A 990 23.37 47.13 22.20
C SER A 990 24.82 47.57 22.31
N TRP A 991 25.76 46.63 22.15
CA TRP A 991 27.18 46.95 22.26
C TRP A 991 27.60 47.92 21.16
N LEU A 992 27.11 47.73 19.94
CA LEU A 992 27.40 48.68 18.87
C LEU A 992 26.85 50.06 19.20
N VAL A 993 25.63 50.10 19.76
CA VAL A 993 25.04 51.40 20.09
C VAL A 993 25.87 52.09 21.17
N LYS A 994 26.46 51.33 22.09
CA LYS A 994 27.26 51.93 23.14
C LYS A 994 28.43 52.72 22.58
N HIS A 995 29.18 52.11 21.67
CA HIS A 995 30.41 52.71 21.16
C HIS A 995 30.15 53.81 20.15
N GLY A 996 28.90 54.24 19.98
CA GLY A 996 28.58 55.23 18.98
C GLY A 996 28.69 54.74 17.55
N ILE A 997 28.88 53.43 17.35
CA ILE A 997 29.01 52.91 15.99
C ILE A 997 27.70 53.06 15.24
N SER A 998 26.58 52.90 15.93
CA SER A 998 25.27 52.99 15.29
C SER A 998 24.26 53.54 16.29
N ASP A 999 23.01 53.57 15.88
CA ASP A 999 21.90 54.08 16.67
C ASP A 999 20.94 52.94 17.01
N PHE A 1000 20.01 53.23 17.92
CA PHE A 1000 18.99 52.24 18.25
C PHE A 1000 18.14 51.91 17.05
N SER A 1001 17.77 52.92 16.26
CA SER A 1001 16.84 52.71 15.15
C SER A 1001 17.39 51.75 14.13
N LYS A 1002 18.61 52.01 13.64
CA LYS A 1002 19.17 51.16 12.59
C LYS A 1002 19.38 49.74 13.08
N THR A 1003 19.91 49.58 14.30
CA THR A 1003 20.16 48.24 14.82
C THR A 1003 18.86 47.47 15.03
N ILE A 1004 17.84 48.12 15.58
CA ILE A 1004 16.59 47.39 15.81
C ILE A 1004 15.95 47.04 14.48
N ARG A 1005 16.03 47.93 13.48
CA ARG A 1005 15.50 47.59 12.18
C ARG A 1005 16.22 46.40 11.57
N VAL A 1006 17.55 46.38 11.66
CA VAL A 1006 18.32 45.27 11.10
C VAL A 1006 17.93 43.97 11.78
N PHE A 1007 17.93 43.97 13.11
CA PHE A 1007 17.64 42.74 13.83
C PHE A 1007 16.25 42.22 13.51
N MET A 1008 15.25 43.10 13.60
CA MET A 1008 13.88 42.67 13.36
C MET A 1008 13.69 42.18 11.94
N VAL A 1009 14.22 42.92 10.95
CA VAL A 1009 14.00 42.53 9.57
C VAL A 1009 14.67 41.19 9.28
N LEU A 1010 15.90 40.99 9.75
CA LEU A 1010 16.57 39.74 9.45
C LEU A 1010 15.91 38.56 10.16
N MET A 1011 15.44 38.76 11.40
CA MET A 1011 14.85 37.62 12.10
C MET A 1011 13.48 37.27 11.53
N VAL A 1012 12.64 38.26 11.24
CA VAL A 1012 11.34 37.97 10.66
C VAL A 1012 11.50 37.40 9.24
N SER A 1013 12.47 37.90 8.48
CA SER A 1013 12.73 37.31 7.18
C SER A 1013 13.25 35.89 7.31
N ALA A 1014 13.99 35.59 8.38
CA ALA A 1014 14.42 34.22 8.62
C ALA A 1014 13.21 33.32 8.86
N ASN A 1015 12.24 33.81 9.63
CA ASN A 1015 11.00 33.04 9.79
C ASN A 1015 10.29 32.84 8.46
N GLY A 1016 10.20 33.90 7.65
CA GLY A 1016 9.56 33.78 6.36
C GLY A 1016 10.27 32.81 5.43
N ALA A 1017 11.60 32.74 5.53
CA ALA A 1017 12.35 31.79 4.71
C ALA A 1017 12.18 30.37 5.22
N ALA A 1018 12.16 30.19 6.53
CA ALA A 1018 11.89 28.88 7.11
C ALA A 1018 10.47 28.43 6.90
N GLU A 1019 9.61 29.31 6.40
CA GLU A 1019 8.29 28.91 5.91
C GLU A 1019 8.42 27.98 4.70
N THR A 1020 9.65 27.60 4.35
CA THR A 1020 9.93 26.61 3.30
C THR A 1020 9.05 25.36 3.40
N LEU A 1021 8.51 25.05 4.57
CA LEU A 1021 7.71 23.85 4.75
C LEU A 1021 6.47 23.85 3.87
N THR A 1022 6.06 25.00 3.34
CA THR A 1022 4.90 25.05 2.46
C THR A 1022 5.11 24.14 1.25
N LEU A 1023 6.32 24.13 0.69
CA LEU A 1023 6.59 23.29 -0.47
C LEU A 1023 7.32 22.02 -0.04
N ALA A 1024 6.86 20.89 -0.54
CA ALA A 1024 7.33 19.59 -0.06
C ALA A 1024 8.77 19.33 -0.51
N PRO A 1025 9.70 19.10 0.41
CA PRO A 1025 11.09 18.77 0.04
C PRO A 1025 11.31 17.28 -0.16
N ASP A 1026 10.74 16.75 -1.25
CA ASP A 1026 10.89 15.34 -1.60
C ASP A 1026 12.14 15.08 -2.43
N PHE A 1027 13.04 16.06 -2.54
CA PHE A 1027 14.21 15.94 -3.39
C PHE A 1027 15.08 14.74 -3.01
N ILE A 1028 15.13 14.40 -1.72
CA ILE A 1028 16.02 13.33 -1.26
C ILE A 1028 15.67 12.01 -1.95
N LYS A 1029 14.38 11.65 -1.93
CA LYS A 1029 13.92 10.51 -2.70
C LYS A 1029 13.64 10.88 -4.15
N GLY A 1030 13.53 12.19 -4.44
CA GLY A 1030 13.31 12.62 -5.80
C GLY A 1030 14.45 12.22 -6.72
N GLY A 1031 15.68 12.35 -6.23
CA GLY A 1031 16.82 11.95 -7.05
C GLY A 1031 16.80 10.46 -7.40
N GLN A 1032 16.50 9.61 -6.42
CA GLN A 1032 16.44 8.17 -6.68
C GLN A 1032 15.31 7.83 -7.64
N ALA A 1033 14.13 8.41 -7.42
CA ALA A 1033 13.02 8.13 -8.33
C ALA A 1033 13.32 8.65 -9.73
N MET A 1034 14.09 9.73 -9.82
CA MET A 1034 14.38 10.32 -11.12
C MET A 1034 15.40 9.50 -11.88
N ARG A 1035 16.42 8.98 -11.20
CA ARG A 1035 17.31 8.04 -11.86
C ARG A 1035 16.56 6.77 -12.23
N SER A 1036 15.54 6.41 -11.44
CA SER A 1036 14.71 5.26 -11.80
C SER A 1036 13.95 5.49 -13.11
N VAL A 1037 13.31 6.65 -13.25
CA VAL A 1037 12.56 6.91 -14.47
C VAL A 1037 13.50 6.96 -15.66
N PHE A 1038 14.68 7.55 -15.48
CA PHE A 1038 15.59 7.66 -16.61
C PHE A 1038 16.18 6.31 -17.00
N GLU A 1039 16.43 5.43 -16.02
CA GLU A 1039 16.90 4.11 -16.39
C GLU A 1039 15.81 3.29 -17.05
N LEU A 1040 14.54 3.51 -16.66
CA LEU A 1040 13.46 2.78 -17.31
C LEU A 1040 13.26 3.26 -18.75
N LEU A 1041 13.28 4.57 -18.97
CA LEU A 1041 13.19 5.08 -20.33
C LEU A 1041 14.39 4.68 -21.16
N ASP A 1042 15.59 4.68 -20.57
CA ASP A 1042 16.79 4.39 -21.33
C ASP A 1042 16.98 2.89 -21.53
N ARG A 1043 16.23 2.06 -20.81
CA ARG A 1043 16.29 0.62 -21.01
C ARG A 1043 15.90 0.27 -22.43
N LYS A 1044 16.66 -0.62 -23.05
CA LYS A 1044 16.45 -0.99 -24.44
C LYS A 1044 15.82 -2.38 -24.52
N THR A 1045 14.88 -2.54 -25.44
CA THR A 1045 14.27 -3.83 -25.73
C THR A 1045 14.97 -4.47 -26.92
N GLU A 1046 15.30 -5.76 -26.79
CA GLU A 1046 15.98 -6.45 -27.87
C GLU A 1046 15.01 -6.82 -28.99
N ILE A 1047 13.74 -7.02 -28.66
CA ILE A 1047 12.71 -7.31 -29.66
C ILE A 1047 11.97 -5.99 -29.91
N GLU A 1048 12.14 -5.45 -31.11
CA GLU A 1048 11.54 -4.18 -31.42
C GLU A 1048 10.05 -4.36 -31.69
N PRO A 1049 9.16 -3.70 -30.94
CA PRO A 1049 7.73 -3.83 -31.24
C PRO A 1049 7.37 -3.38 -32.64
N ASP A 1050 8.03 -2.35 -33.15
CA ASP A 1050 7.91 -1.95 -34.54
C ASP A 1050 9.29 -2.00 -35.16
N ASP A 1051 9.40 -2.70 -36.29
CA ASP A 1051 10.70 -2.86 -36.93
C ASP A 1051 10.95 -1.73 -37.91
N PRO A 1052 11.95 -0.89 -37.65
CA PRO A 1052 12.21 0.22 -38.59
C PRO A 1052 12.63 -0.23 -39.97
N ASP A 1053 13.27 -1.41 -40.08
CA ASP A 1053 13.79 -1.86 -41.37
C ASP A 1053 12.65 -2.13 -42.35
N THR A 1054 12.96 -1.95 -43.63
CA THR A 1054 11.99 -2.17 -44.69
C THR A 1054 11.55 -3.63 -44.70
N THR A 1055 10.25 -3.86 -44.81
CA THR A 1055 9.71 -5.21 -44.77
C THR A 1055 8.75 -5.43 -45.93
N PRO A 1056 8.85 -6.56 -46.63
CA PRO A 1056 7.96 -6.85 -47.76
C PRO A 1056 6.58 -7.29 -47.29
N VAL A 1057 5.81 -6.34 -46.75
CA VAL A 1057 4.50 -6.61 -46.19
C VAL A 1057 3.52 -7.00 -47.28
N PRO A 1058 2.90 -8.17 -47.20
CA PRO A 1058 1.81 -8.50 -48.14
C PRO A 1058 0.45 -8.13 -47.55
N ASP A 1059 -0.50 -7.91 -48.45
CA ASP A 1059 -1.86 -7.63 -48.01
C ASP A 1059 -2.49 -8.85 -47.35
N ARG A 1060 -2.28 -10.03 -47.93
CA ARG A 1060 -2.95 -11.26 -47.50
C ARG A 1060 -1.79 -12.22 -47.25
N LEU A 1061 -1.52 -12.57 -45.99
CA LEU A 1061 -0.30 -13.33 -45.70
C LEU A 1061 -0.37 -14.73 -46.26
N ARG A 1062 0.79 -15.26 -46.66
CA ARG A 1062 0.84 -16.56 -47.33
C ARG A 1062 0.49 -17.70 -46.39
N GLY A 1063 0.47 -17.44 -45.08
CA GLY A 1063 -0.13 -18.34 -44.12
C GLY A 1063 0.48 -19.73 -44.09
N GLU A 1064 1.80 -19.82 -44.25
CA GLU A 1064 2.47 -21.11 -44.30
C GLU A 1064 3.68 -21.15 -43.38
N VAL A 1065 3.49 -20.76 -42.12
CA VAL A 1065 4.54 -20.74 -41.10
C VAL A 1065 5.34 -22.04 -41.12
N GLU A 1066 6.66 -21.93 -41.05
CA GLU A 1066 7.56 -23.06 -41.20
C GLU A 1066 8.51 -23.13 -40.02
N LEU A 1067 8.09 -23.81 -38.95
CA LEU A 1067 9.01 -24.10 -37.86
C LEU A 1067 9.99 -25.19 -38.32
N LYS A 1068 11.28 -24.98 -38.05
CA LYS A 1068 12.31 -25.96 -38.42
C LYS A 1068 13.49 -25.86 -37.46
N HIS A 1069 13.96 -27.02 -37.00
CA HIS A 1069 15.09 -27.16 -36.08
C HIS A 1069 15.03 -26.14 -34.94
N ILE A 1070 13.90 -26.11 -34.24
CA ILE A 1070 13.74 -25.19 -33.13
C ILE A 1070 14.36 -25.79 -31.88
N ASP A 1071 15.09 -24.95 -31.14
CA ASP A 1071 15.68 -25.32 -29.85
C ASP A 1071 15.46 -24.22 -28.82
N PHE A 1072 14.23 -23.70 -28.77
CA PHE A 1072 13.91 -22.57 -27.87
C PHE A 1072 14.26 -22.89 -26.41
N SER A 1073 14.85 -21.93 -25.69
CA SER A 1073 15.16 -22.11 -24.25
C SER A 1073 14.54 -20.94 -23.48
N TYR A 1074 13.66 -21.24 -22.51
CA TYR A 1074 12.97 -20.15 -21.78
C TYR A 1074 14.00 -19.26 -21.09
N PRO A 1075 13.99 -17.93 -21.34
CA PRO A 1075 14.97 -17.03 -20.75
C PRO A 1075 14.86 -17.03 -19.22
N SER A 1076 13.65 -16.95 -18.69
CA SER A 1076 13.46 -16.89 -17.24
C SER A 1076 14.12 -18.07 -16.55
N ARG A 1077 13.98 -19.27 -17.10
CA ARG A 1077 14.57 -20.49 -16.54
C ARG A 1077 15.43 -21.14 -17.61
N PRO A 1078 16.72 -20.79 -17.68
CA PRO A 1078 17.58 -21.39 -18.72
C PRO A 1078 17.72 -22.90 -18.58
N ASP A 1079 17.47 -23.44 -17.39
CA ASP A 1079 17.56 -24.89 -17.19
C ASP A 1079 16.53 -25.63 -18.03
N ILE A 1080 15.31 -25.11 -18.13
CA ILE A 1080 14.25 -25.75 -18.88
C ILE A 1080 14.29 -25.24 -20.32
N GLN A 1081 14.55 -26.14 -21.26
CA GLN A 1081 14.56 -25.83 -22.70
C GLN A 1081 13.62 -26.82 -23.37
N ILE A 1082 12.44 -26.35 -23.76
CA ILE A 1082 11.38 -27.23 -24.22
C ILE A 1082 11.75 -27.88 -25.56
N PHE A 1083 12.31 -27.09 -26.47
CA PHE A 1083 12.38 -27.48 -27.87
C PHE A 1083 13.72 -28.13 -28.20
N ARG A 1084 13.68 -29.22 -28.98
CA ARG A 1084 14.87 -29.93 -29.45
C ARG A 1084 14.66 -30.25 -30.93
N ASP A 1085 15.20 -29.39 -31.79
CA ASP A 1085 15.25 -29.64 -33.24
C ASP A 1085 13.85 -29.87 -33.81
N LEU A 1086 12.89 -29.10 -33.32
CA LEU A 1086 11.50 -29.22 -33.76
C LEU A 1086 11.35 -28.60 -35.14
N SER A 1087 10.65 -29.30 -36.02
CA SER A 1087 10.30 -28.79 -37.34
C SER A 1087 8.81 -29.01 -37.56
N LEU A 1088 8.09 -27.94 -37.91
CA LEU A 1088 6.65 -28.00 -38.08
C LEU A 1088 6.26 -27.54 -39.47
N ARG A 1089 4.98 -27.75 -39.80
CA ARG A 1089 4.44 -27.44 -41.11
C ARG A 1089 3.13 -26.69 -40.95
N ALA A 1090 2.80 -25.88 -41.94
CA ALA A 1090 1.53 -25.17 -41.98
C ALA A 1090 0.74 -25.57 -43.22
N ARG A 1091 -0.57 -25.38 -43.14
CA ARG A 1091 -1.51 -25.77 -44.19
C ARG A 1091 -2.32 -24.53 -44.56
N ALA A 1092 -2.14 -24.03 -45.78
CA ALA A 1092 -2.77 -22.77 -46.18
C ALA A 1092 -4.29 -22.89 -46.19
N GLY A 1093 -4.83 -23.74 -47.05
CA GLY A 1093 -6.27 -23.89 -47.14
C GLY A 1093 -6.82 -24.83 -46.10
N LYS A 1094 -5.95 -25.38 -45.27
CA LYS A 1094 -6.27 -26.40 -44.29
C LYS A 1094 -5.90 -25.87 -42.90
N THR A 1095 -6.02 -26.72 -41.88
CA THR A 1095 -5.71 -26.33 -40.51
C THR A 1095 -4.83 -27.40 -39.87
N LEU A 1096 -3.95 -26.98 -38.98
CA LEU A 1096 -3.10 -27.91 -38.24
C LEU A 1096 -3.51 -27.95 -36.78
N ALA A 1097 -3.67 -29.15 -36.25
CA ALA A 1097 -3.96 -29.37 -34.85
C ALA A 1097 -2.71 -29.89 -34.16
N LEU A 1098 -2.62 -29.61 -32.86
CA LEU A 1098 -1.49 -29.99 -32.03
C LEU A 1098 -2.06 -30.52 -30.73
N VAL A 1099 -1.46 -31.60 -30.21
CA VAL A 1099 -1.93 -32.23 -28.99
C VAL A 1099 -0.73 -32.76 -28.23
N GLY A 1100 -0.80 -32.72 -26.90
CA GLY A 1100 0.27 -33.21 -26.05
C GLY A 1100 -0.05 -33.10 -24.58
N PRO A 1101 0.85 -33.60 -23.74
CA PRO A 1101 0.66 -33.47 -22.29
C PRO A 1101 0.77 -32.01 -21.85
N SER A 1102 0.28 -31.75 -20.64
CA SER A 1102 0.31 -30.40 -20.10
C SER A 1102 1.74 -29.90 -19.93
N GLY A 1103 2.69 -30.81 -19.76
CA GLY A 1103 4.08 -30.41 -19.59
C GLY A 1103 4.67 -29.79 -20.84
N CYS A 1104 4.31 -30.32 -22.01
CA CYS A 1104 4.88 -29.83 -23.25
C CYS A 1104 4.45 -28.39 -23.53
N GLY A 1105 5.36 -27.61 -24.07
CA GLY A 1105 5.13 -26.19 -24.30
C GLY A 1105 4.32 -25.87 -25.54
N LYS A 1106 3.04 -26.23 -25.54
CA LYS A 1106 2.18 -25.90 -26.68
C LYS A 1106 1.83 -24.42 -26.69
N SER A 1107 1.51 -23.85 -25.52
CA SER A 1107 1.40 -22.40 -25.43
C SER A 1107 2.72 -21.74 -25.80
N SER A 1108 3.84 -22.40 -25.50
CA SER A 1108 5.12 -21.93 -25.99
C SER A 1108 5.17 -21.96 -27.51
N VAL A 1109 4.59 -23.01 -28.11
CA VAL A 1109 4.55 -23.07 -29.58
C VAL A 1109 3.83 -21.85 -30.13
N ILE A 1110 2.63 -21.58 -29.61
CA ILE A 1110 1.87 -20.46 -30.17
C ILE A 1110 2.55 -19.13 -29.87
N SER A 1111 3.27 -19.05 -28.74
CA SER A 1111 4.07 -17.86 -28.47
C SER A 1111 5.13 -17.65 -29.54
N LEU A 1112 5.84 -18.72 -29.89
CA LEU A 1112 6.87 -18.60 -30.93
C LEU A 1112 6.25 -18.35 -32.30
N ILE A 1113 4.97 -18.70 -32.47
CA ILE A 1113 4.33 -18.43 -33.75
C ILE A 1113 4.28 -16.93 -34.03
N GLN A 1114 3.91 -16.14 -33.03
CA GLN A 1114 3.69 -14.71 -33.22
C GLN A 1114 4.92 -13.88 -32.88
N ARG A 1115 6.09 -14.50 -32.79
CA ARG A 1115 7.30 -13.86 -32.27
C ARG A 1115 7.02 -13.23 -30.91
N PHE A 1116 6.22 -13.91 -30.09
CA PHE A 1116 6.08 -13.47 -28.71
C PHE A 1116 7.41 -13.62 -27.98
N TYR A 1117 8.06 -14.77 -28.12
CA TYR A 1117 9.40 -14.98 -27.60
C TYR A 1117 10.41 -15.11 -28.73
N GLU A 1118 11.65 -15.40 -28.35
CA GLU A 1118 12.76 -15.50 -29.28
C GLU A 1118 13.42 -16.87 -29.14
N PRO A 1119 13.47 -17.69 -30.20
CA PRO A 1119 14.12 -19.00 -30.05
C PRO A 1119 15.62 -18.86 -29.89
N SER A 1120 16.21 -19.80 -29.14
CA SER A 1120 17.64 -19.77 -28.92
C SER A 1120 18.40 -20.00 -30.22
N SER A 1121 18.03 -21.04 -30.96
CA SER A 1121 18.69 -21.34 -32.23
C SER A 1121 17.74 -21.72 -33.36
N GLY A 1122 16.44 -21.86 -33.10
CA GLY A 1122 15.54 -22.27 -34.15
C GLY A 1122 15.28 -21.15 -35.14
N ARG A 1123 14.84 -21.52 -36.35
CA ARG A 1123 14.55 -20.59 -37.41
C ARG A 1123 13.16 -20.91 -37.98
N VAL A 1124 12.36 -19.88 -38.21
CA VAL A 1124 10.97 -20.06 -38.64
C VAL A 1124 10.67 -19.13 -39.82
N MET A 1125 9.94 -19.66 -40.80
CA MET A 1125 9.58 -18.97 -42.04
C MET A 1125 8.08 -18.67 -42.02
N ILE A 1126 7.71 -17.44 -41.68
CA ILE A 1126 6.30 -17.06 -41.74
C ILE A 1126 5.90 -16.71 -43.17
N ASP A 1127 6.76 -16.00 -43.90
CA ASP A 1127 6.44 -15.48 -45.23
C ASP A 1127 7.62 -15.72 -46.17
N GLY A 1128 8.16 -16.93 -46.12
CA GLY A 1128 9.35 -17.24 -46.90
C GLY A 1128 10.59 -16.53 -46.42
N LYS A 1129 10.65 -16.16 -45.14
CA LYS A 1129 11.68 -15.29 -44.60
C LYS A 1129 11.60 -15.31 -43.08
N ASP A 1130 12.66 -14.81 -42.44
CA ASP A 1130 12.72 -14.72 -40.99
C ASP A 1130 11.58 -13.85 -40.46
N ILE A 1131 10.98 -14.29 -39.36
CA ILE A 1131 10.02 -13.42 -38.66
C ILE A 1131 10.73 -12.21 -38.07
N ARG A 1132 12.00 -12.37 -37.69
CA ARG A 1132 12.73 -11.30 -37.03
C ARG A 1132 12.96 -10.12 -37.96
N LYS A 1133 13.15 -10.40 -39.25
CA LYS A 1133 13.35 -9.31 -40.19
C LYS A 1133 12.04 -8.61 -40.54
N TYR A 1134 10.94 -9.35 -40.60
CA TYR A 1134 9.66 -8.79 -40.98
C TYR A 1134 9.02 -8.05 -39.81
N ASN A 1135 8.25 -7.01 -40.12
CA ASN A 1135 7.73 -6.10 -39.10
C ASN A 1135 6.82 -6.85 -38.12
N LEU A 1136 7.06 -6.63 -36.83
CA LEU A 1136 6.28 -7.31 -35.80
C LEU A 1136 4.83 -6.86 -35.80
N LYS A 1137 4.59 -5.56 -36.01
CA LYS A 1137 3.22 -5.05 -35.98
C LYS A 1137 2.39 -5.66 -37.11
N ALA A 1138 2.99 -5.84 -38.29
CA ALA A 1138 2.28 -6.51 -39.37
C ALA A 1138 1.94 -7.94 -39.00
N ILE A 1139 2.85 -8.61 -38.29
CA ILE A 1139 2.59 -9.95 -37.79
C ILE A 1139 1.39 -9.94 -36.85
N ARG A 1140 1.36 -8.97 -35.93
CA ARG A 1140 0.24 -8.88 -34.99
C ARG A 1140 -1.08 -8.67 -35.72
N LYS A 1141 -1.08 -7.79 -36.71
CA LYS A 1141 -2.33 -7.50 -37.41
C LYS A 1141 -2.72 -8.63 -38.35
N HIS A 1142 -1.79 -9.49 -38.73
CA HIS A 1142 -2.09 -10.59 -39.63
C HIS A 1142 -2.39 -11.90 -38.89
N ILE A 1143 -2.24 -11.94 -37.57
CA ILE A 1143 -2.45 -13.17 -36.80
C ILE A 1143 -3.42 -12.86 -35.67
N ALA A 1144 -4.43 -13.71 -35.50
CA ALA A 1144 -5.37 -13.62 -34.38
C ALA A 1144 -5.14 -14.81 -33.47
N ILE A 1145 -5.30 -14.60 -32.17
CA ILE A 1145 -5.01 -15.62 -31.16
C ILE A 1145 -6.11 -15.57 -30.11
N VAL A 1146 -6.33 -16.68 -29.41
CA VAL A 1146 -7.15 -16.71 -28.21
C VAL A 1146 -6.27 -17.17 -27.05
N PRO A 1147 -6.35 -16.55 -25.87
CA PRO A 1147 -5.60 -17.05 -24.72
C PRO A 1147 -6.26 -18.27 -24.10
N GLN A 1148 -5.46 -19.02 -23.33
CA GLN A 1148 -6.00 -20.19 -22.64
C GLN A 1148 -7.07 -19.79 -21.62
N GLU A 1149 -6.83 -18.70 -20.89
CA GLU A 1149 -7.79 -18.20 -19.90
C GLU A 1149 -8.09 -16.72 -20.20
N PRO A 1150 -8.89 -16.44 -21.22
CA PRO A 1150 -9.16 -15.04 -21.58
C PRO A 1150 -9.87 -14.29 -20.47
N CYS A 1151 -9.51 -13.01 -20.33
CA CYS A 1151 -10.15 -12.09 -19.41
C CYS A 1151 -10.48 -10.81 -20.15
N LEU A 1152 -11.57 -10.15 -19.77
CA LEU A 1152 -12.09 -9.05 -20.57
C LEU A 1152 -11.46 -7.72 -20.15
N PHE A 1153 -11.64 -6.71 -21.01
CA PHE A 1153 -10.88 -5.48 -20.90
C PHE A 1153 -11.61 -4.39 -20.13
N GLY A 1154 -12.75 -3.95 -20.65
CA GLY A 1154 -13.37 -2.73 -20.20
C GLY A 1154 -14.83 -2.89 -19.87
N THR A 1155 -15.51 -1.74 -19.79
CA THR A 1155 -16.90 -1.74 -19.36
C THR A 1155 -17.81 -2.48 -20.34
N THR A 1156 -17.76 -2.11 -21.63
CA THR A 1156 -18.74 -2.61 -22.56
C THR A 1156 -18.22 -3.82 -23.33
N ILE A 1157 -19.11 -4.80 -23.53
CA ILE A 1157 -18.79 -5.92 -24.38
C ILE A 1157 -18.48 -5.44 -25.80
N TYR A 1158 -19.11 -4.33 -26.21
CA TYR A 1158 -18.89 -3.80 -27.55
C TYR A 1158 -17.42 -3.51 -27.79
N GLU A 1159 -16.79 -2.75 -26.89
CA GLU A 1159 -15.40 -2.38 -27.09
C GLU A 1159 -14.48 -3.59 -26.95
N ASN A 1160 -14.76 -4.47 -25.99
CA ASN A 1160 -13.92 -5.64 -25.79
C ASN A 1160 -13.91 -6.54 -27.03
N ILE A 1161 -15.08 -6.74 -27.62
CA ILE A 1161 -15.14 -7.55 -28.83
C ILE A 1161 -14.53 -6.82 -30.01
N ALA A 1162 -14.80 -5.52 -30.14
CA ALA A 1162 -14.26 -4.74 -31.25
C ALA A 1162 -12.76 -4.53 -31.15
N TYR A 1163 -12.16 -4.88 -30.02
CA TYR A 1163 -10.72 -4.74 -29.84
C TYR A 1163 -9.94 -5.45 -30.95
N GLY A 1164 -10.51 -6.52 -31.51
CA GLY A 1164 -9.76 -7.30 -32.48
C GLY A 1164 -9.42 -6.51 -33.73
N HIS A 1165 -10.36 -5.70 -34.22
CA HIS A 1165 -10.17 -4.96 -35.46
C HIS A 1165 -10.19 -3.46 -35.15
N GLU A 1166 -9.29 -2.72 -35.80
CA GLU A 1166 -9.21 -1.29 -35.55
C GLU A 1166 -10.46 -0.56 -36.03
N CYS A 1167 -11.15 -1.13 -37.02
CA CYS A 1167 -12.45 -0.61 -37.48
C CYS A 1167 -13.44 -1.77 -37.55
N ALA A 1168 -14.08 -2.05 -36.42
CA ALA A 1168 -15.06 -3.14 -36.36
C ALA A 1168 -16.47 -2.71 -36.74
N THR A 1169 -16.74 -1.41 -36.77
CA THR A 1169 -18.07 -0.88 -37.06
C THR A 1169 -19.12 -1.56 -36.20
N GLU A 1170 -20.28 -1.85 -36.79
CA GLU A 1170 -21.36 -2.51 -36.07
C GLU A 1170 -21.80 -3.81 -36.71
N ALA A 1171 -21.85 -3.88 -38.05
CA ALA A 1171 -22.25 -5.12 -38.70
C ALA A 1171 -21.25 -6.23 -38.42
N GLU A 1172 -19.96 -5.94 -38.59
CA GLU A 1172 -18.93 -6.96 -38.45
C GLU A 1172 -18.99 -7.62 -37.08
N ILE A 1173 -19.20 -6.82 -36.03
CA ILE A 1173 -19.34 -7.40 -34.71
C ILE A 1173 -20.65 -8.19 -34.62
N ILE A 1174 -21.64 -7.85 -35.45
CA ILE A 1174 -22.88 -8.63 -35.44
C ILE A 1174 -22.62 -10.06 -35.90
N GLN A 1175 -21.99 -10.24 -37.07
CA GLN A 1175 -21.74 -11.62 -37.48
C GLN A 1175 -20.65 -12.25 -36.62
N ALA A 1176 -19.77 -11.43 -36.04
CA ALA A 1176 -18.79 -11.97 -35.10
C ALA A 1176 -19.49 -12.62 -33.91
N ALA A 1177 -20.52 -11.97 -33.38
CA ALA A 1177 -21.28 -12.56 -32.28
C ALA A 1177 -22.07 -13.78 -32.75
N THR A 1178 -22.71 -13.67 -33.92
CA THR A 1178 -23.60 -14.74 -34.36
C THR A 1178 -22.83 -16.02 -34.67
N LEU A 1179 -21.77 -15.93 -35.48
CA LEU A 1179 -20.98 -17.11 -35.81
C LEU A 1179 -20.34 -17.69 -34.55
N ALA A 1180 -19.86 -16.84 -33.65
CA ALA A 1180 -19.38 -17.31 -32.37
C ALA A 1180 -20.50 -17.79 -31.45
N SER A 1181 -21.74 -17.47 -31.78
CA SER A 1181 -22.92 -17.82 -30.98
C SER A 1181 -22.93 -17.13 -29.63
N ALA A 1182 -22.13 -16.07 -29.47
CA ALA A 1182 -22.17 -15.29 -28.24
C ALA A 1182 -23.44 -14.47 -28.15
N HIS A 1183 -24.07 -14.19 -29.30
CA HIS A 1183 -25.18 -13.26 -29.36
C HIS A 1183 -26.36 -13.69 -28.50
N LYS A 1184 -26.57 -14.99 -28.29
CA LYS A 1184 -27.75 -15.43 -27.55
C LYS A 1184 -27.67 -14.98 -26.09
N PHE A 1185 -26.55 -15.24 -25.41
CA PHE A 1185 -26.46 -14.75 -24.05
C PHE A 1185 -26.13 -13.27 -24.00
N ILE A 1186 -25.57 -12.70 -25.06
CA ILE A 1186 -25.42 -11.26 -25.12
C ILE A 1186 -26.78 -10.58 -25.07
N SER A 1187 -27.72 -11.06 -25.88
CA SER A 1187 -29.10 -10.57 -25.81
C SER A 1187 -29.72 -10.91 -24.46
N ALA A 1188 -29.36 -12.07 -23.90
CA ALA A 1188 -29.83 -12.41 -22.56
C ALA A 1188 -29.32 -11.41 -21.52
N LEU A 1189 -28.20 -10.74 -21.79
CA LEU A 1189 -27.72 -9.71 -20.90
C LEU A 1189 -28.66 -8.51 -20.95
N PRO A 1190 -28.66 -7.66 -19.92
CA PRO A 1190 -29.62 -6.54 -19.89
C PRO A 1190 -29.53 -5.61 -21.10
N GLU A 1191 -28.35 -5.06 -21.38
CA GLU A 1191 -28.20 -4.16 -22.53
C GLU A 1191 -27.23 -4.71 -23.57
N GLY A 1192 -26.77 -5.94 -23.41
CA GLY A 1192 -25.99 -6.59 -24.45
C GLY A 1192 -24.61 -5.99 -24.61
N TYR A 1193 -24.38 -5.39 -25.78
CA TYR A 1193 -23.04 -4.89 -26.11
C TYR A 1193 -22.56 -3.83 -25.14
N LYS A 1194 -23.48 -3.17 -24.43
CA LYS A 1194 -23.11 -2.13 -23.49
C LYS A 1194 -23.11 -2.61 -22.04
N THR A 1195 -23.29 -3.91 -21.81
CA THR A 1195 -23.34 -4.42 -20.45
C THR A 1195 -21.98 -4.29 -19.78
N TYR A 1196 -21.96 -3.69 -18.59
CA TYR A 1196 -20.71 -3.50 -17.89
C TYR A 1196 -20.18 -4.84 -17.37
N VAL A 1197 -18.90 -5.09 -17.62
CA VAL A 1197 -18.28 -6.36 -17.26
C VAL A 1197 -16.96 -6.08 -16.55
N GLY A 1198 -16.50 -7.05 -15.78
CA GLY A 1198 -15.28 -6.95 -15.01
C GLY A 1198 -15.53 -7.46 -13.60
N GLU A 1199 -14.67 -7.03 -12.68
CA GLU A 1199 -14.85 -7.42 -11.28
C GLU A 1199 -16.15 -6.85 -10.73
N ARG A 1200 -16.45 -5.59 -11.04
CA ARG A 1200 -17.69 -4.96 -10.61
C ARG A 1200 -18.83 -5.14 -11.60
N GLY A 1201 -18.56 -5.70 -12.77
CA GLY A 1201 -19.57 -5.92 -13.79
C GLY A 1201 -20.16 -7.32 -13.71
N VAL A 1202 -21.09 -7.58 -14.64
CA VAL A 1202 -21.66 -8.91 -14.74
C VAL A 1202 -20.57 -9.88 -15.15
N GLN A 1203 -20.19 -10.76 -14.23
CA GLN A 1203 -19.10 -11.69 -14.45
C GLN A 1203 -19.64 -12.90 -15.21
N LEU A 1204 -19.33 -12.97 -16.50
CA LEU A 1204 -19.83 -14.05 -17.34
C LEU A 1204 -19.14 -15.36 -16.97
N SER A 1205 -19.70 -16.46 -17.49
CA SER A 1205 -19.13 -17.76 -17.25
C SER A 1205 -17.82 -17.92 -18.02
N GLY A 1206 -17.01 -18.89 -17.58
CA GLY A 1206 -15.77 -19.18 -18.29
C GLY A 1206 -16.02 -19.55 -19.74
N GLY A 1207 -17.05 -20.36 -19.98
CA GLY A 1207 -17.42 -20.67 -21.34
C GLY A 1207 -17.85 -19.44 -22.13
N GLN A 1208 -18.65 -18.58 -21.50
CA GLN A 1208 -19.11 -17.38 -22.19
C GLN A 1208 -17.96 -16.44 -22.50
N LYS A 1209 -17.05 -16.23 -21.54
CA LYS A 1209 -15.92 -15.34 -21.80
C LYS A 1209 -14.98 -15.94 -22.85
N GLN A 1210 -14.80 -17.25 -22.83
CA GLN A 1210 -13.97 -17.89 -23.85
C GLN A 1210 -14.63 -17.75 -25.23
N ARG A 1211 -15.95 -17.88 -25.28
CA ARG A 1211 -16.66 -17.74 -26.55
C ARG A 1211 -16.57 -16.31 -27.09
N ILE A 1212 -16.65 -15.32 -26.21
CA ILE A 1212 -16.55 -13.96 -26.69
C ILE A 1212 -15.11 -13.62 -27.06
N ALA A 1213 -14.13 -14.28 -26.42
CA ALA A 1213 -12.75 -14.19 -26.92
C ALA A 1213 -12.66 -14.75 -28.33
N ILE A 1214 -13.34 -15.87 -28.59
CA ILE A 1214 -13.42 -16.38 -29.96
C ILE A 1214 -14.04 -15.35 -30.87
N ALA A 1215 -15.09 -14.67 -30.40
CA ALA A 1215 -15.73 -13.65 -31.22
C ALA A 1215 -14.75 -12.55 -31.57
N ARG A 1216 -13.93 -12.13 -30.61
CA ARG A 1216 -12.91 -11.12 -30.89
C ARG A 1216 -11.90 -11.63 -31.93
N ALA A 1217 -11.50 -12.90 -31.80
CA ALA A 1217 -10.58 -13.48 -32.76
C ALA A 1217 -11.17 -13.44 -34.17
N LEU A 1218 -12.46 -13.75 -34.29
CA LEU A 1218 -13.13 -13.61 -35.57
C LEU A 1218 -13.17 -12.16 -36.03
N VAL A 1219 -13.34 -11.23 -35.08
CA VAL A 1219 -13.32 -9.81 -35.44
C VAL A 1219 -12.02 -9.45 -36.13
N ARG A 1220 -10.90 -9.97 -35.62
CA ARG A 1220 -9.61 -9.61 -36.20
C ARG A 1220 -9.49 -10.02 -37.67
N LYS A 1221 -10.18 -11.08 -38.07
CA LYS A 1221 -10.20 -11.54 -39.47
C LYS A 1221 -8.79 -11.78 -40.02
N ALA A 1222 -7.93 -12.37 -39.20
CA ALA A 1222 -6.51 -12.49 -39.52
C ALA A 1222 -6.24 -13.76 -40.33
N GLU A 1223 -5.01 -13.88 -40.84
CA GLU A 1223 -4.65 -15.07 -41.59
C GLU A 1223 -4.54 -16.30 -40.69
N ILE A 1224 -3.73 -16.20 -39.64
CA ILE A 1224 -3.43 -17.32 -38.76
C ILE A 1224 -4.35 -17.25 -37.54
N MET A 1225 -5.20 -18.26 -37.37
CA MET A 1225 -6.05 -18.33 -36.18
C MET A 1225 -5.41 -19.29 -35.18
N LEU A 1226 -4.93 -18.75 -34.06
CA LEU A 1226 -4.27 -19.53 -33.02
C LEU A 1226 -5.28 -19.84 -31.92
N LEU A 1227 -5.88 -21.02 -32.02
CA LEU A 1227 -6.90 -21.44 -31.06
C LEU A 1227 -6.25 -22.37 -30.05
N ASP A 1228 -5.85 -21.82 -28.90
CA ASP A 1228 -5.16 -22.63 -27.90
C ASP A 1228 -6.16 -23.42 -27.06
N GLU A 1229 -5.70 -23.94 -25.93
CA GLU A 1229 -6.52 -24.82 -25.09
C GLU A 1229 -7.79 -24.15 -24.59
N ALA A 1230 -8.04 -22.89 -24.93
CA ALA A 1230 -9.34 -22.28 -24.69
C ALA A 1230 -10.44 -23.09 -25.36
N THR A 1231 -10.12 -23.76 -26.48
CA THR A 1231 -11.09 -24.63 -27.14
C THR A 1231 -11.49 -25.81 -26.27
N SER A 1232 -10.73 -26.10 -25.21
CA SER A 1232 -11.10 -27.13 -24.25
C SER A 1232 -11.64 -26.56 -22.95
N ALA A 1233 -11.20 -25.37 -22.54
CA ALA A 1233 -11.66 -24.74 -21.30
C ALA A 1233 -13.00 -24.06 -21.56
N LEU A 1234 -14.03 -24.88 -21.71
CA LEU A 1234 -15.36 -24.43 -22.12
C LEU A 1234 -16.35 -25.57 -21.88
N ASP A 1235 -17.58 -25.38 -22.34
CA ASP A 1235 -18.66 -26.34 -22.13
C ASP A 1235 -19.30 -26.77 -23.45
N ALA A 1236 -20.29 -27.66 -23.32
CA ALA A 1236 -20.77 -28.45 -24.46
C ALA A 1236 -21.28 -27.58 -25.61
N GLU A 1237 -22.18 -26.64 -25.31
CA GLU A 1237 -22.67 -25.76 -26.37
C GLU A 1237 -21.54 -24.92 -26.94
N SER A 1238 -20.62 -24.46 -26.09
CA SER A 1238 -19.41 -23.82 -26.58
C SER A 1238 -18.57 -24.79 -27.38
N GLU A 1239 -18.71 -26.09 -27.13
CA GLU A 1239 -17.94 -27.07 -27.89
C GLU A 1239 -18.46 -27.16 -29.34
N ARG A 1240 -19.77 -27.23 -29.52
CA ARG A 1240 -20.29 -27.11 -30.89
C ARG A 1240 -19.96 -25.75 -31.49
N SER A 1241 -19.96 -24.69 -30.67
CA SER A 1241 -19.59 -23.38 -31.18
C SER A 1241 -18.16 -23.39 -31.71
N VAL A 1242 -17.26 -24.06 -30.99
CA VAL A 1242 -15.87 -24.16 -31.42
C VAL A 1242 -15.75 -25.01 -32.67
N GLN A 1243 -16.55 -26.08 -32.77
CA GLN A 1243 -16.56 -26.87 -33.99
C GLN A 1243 -16.99 -26.03 -35.19
N GLU A 1244 -18.03 -25.21 -35.00
CA GLU A 1244 -18.47 -24.34 -36.08
C GLU A 1244 -17.40 -23.31 -36.43
N ALA A 1245 -16.73 -22.76 -35.41
CA ALA A 1245 -15.65 -21.81 -35.64
C ALA A 1245 -14.51 -22.47 -36.40
N LEU A 1246 -14.23 -23.75 -36.11
CA LEU A 1246 -13.25 -24.50 -36.90
C LEU A 1246 -13.71 -24.64 -38.34
N ASP A 1247 -15.00 -24.87 -38.55
CA ASP A 1247 -15.54 -24.90 -39.91
C ASP A 1247 -15.24 -23.60 -40.65
N GLN A 1248 -15.53 -22.46 -40.01
CA GLN A 1248 -15.25 -21.20 -40.67
C GLN A 1248 -13.75 -20.98 -40.87
N ALA A 1249 -12.95 -21.35 -39.87
CA ALA A 1249 -11.50 -21.12 -39.94
C ALA A 1249 -10.87 -21.92 -41.08
N CYS A 1250 -11.26 -23.19 -41.22
CA CYS A 1250 -10.78 -23.96 -42.36
C CYS A 1250 -11.34 -23.41 -43.65
N SER A 1251 -12.59 -22.94 -43.63
CA SER A 1251 -13.14 -22.26 -44.79
C SER A 1251 -12.37 -20.98 -45.08
N GLY A 1252 -12.12 -20.16 -44.07
CA GLY A 1252 -11.41 -18.91 -44.24
C GLY A 1252 -9.98 -18.94 -43.75
N ARG A 1253 -9.03 -19.06 -44.68
CA ARG A 1253 -7.59 -19.04 -44.40
C ARG A 1253 -7.25 -20.25 -43.51
N THR A 1254 -6.31 -20.08 -42.58
CA THR A 1254 -5.72 -21.22 -41.88
C THR A 1254 -5.60 -20.99 -40.36
N SER A 1255 -5.47 -22.10 -39.65
CA SER A 1255 -5.51 -22.05 -38.20
C SER A 1255 -4.60 -23.12 -37.62
N ILE A 1256 -4.00 -22.77 -36.47
CA ILE A 1256 -3.28 -23.71 -35.61
C ILE A 1256 -4.10 -23.85 -34.35
N VAL A 1257 -4.58 -25.05 -34.08
CA VAL A 1257 -5.48 -25.31 -32.95
C VAL A 1257 -4.80 -26.34 -32.06
N VAL A 1258 -4.67 -26.03 -30.78
CA VAL A 1258 -4.19 -27.01 -29.82
C VAL A 1258 -5.29 -27.29 -28.80
N ALA A 1259 -5.57 -28.57 -28.58
CA ALA A 1259 -6.55 -29.03 -27.61
C ALA A 1259 -6.18 -30.46 -27.21
N HIS A 1260 -5.88 -30.66 -25.93
CA HIS A 1260 -5.41 -31.98 -25.48
C HIS A 1260 -6.50 -33.03 -25.56
N ARG A 1261 -7.77 -32.62 -25.60
CA ARG A 1261 -8.87 -33.57 -25.67
C ARG A 1261 -9.12 -34.00 -27.11
N LEU A 1262 -9.93 -35.04 -27.26
CA LEU A 1262 -10.27 -35.56 -28.58
C LEU A 1262 -11.51 -34.85 -29.14
N SER A 1263 -11.92 -35.26 -30.33
CA SER A 1263 -13.14 -34.80 -31.01
C SER A 1263 -13.00 -33.36 -31.49
N THR A 1264 -11.90 -32.70 -31.13
CA THR A 1264 -11.64 -31.37 -31.63
C THR A 1264 -10.48 -31.37 -32.61
N ILE A 1265 -9.44 -32.15 -32.30
CA ILE A 1265 -8.33 -32.33 -33.24
C ILE A 1265 -8.80 -33.07 -34.48
N ARG A 1266 -9.78 -33.97 -34.31
CA ARG A 1266 -10.32 -34.70 -35.45
C ARG A 1266 -10.94 -33.75 -36.46
N ASN A 1267 -11.45 -32.61 -36.01
CA ASN A 1267 -11.97 -31.61 -36.93
C ASN A 1267 -10.89 -31.14 -37.89
N ALA A 1268 -9.71 -30.82 -37.38
CA ALA A 1268 -8.61 -30.45 -38.24
C ALA A 1268 -8.12 -31.66 -39.03
N HIS A 1269 -7.74 -31.41 -40.28
CA HIS A 1269 -7.35 -32.53 -41.15
C HIS A 1269 -5.99 -33.08 -40.76
N VAL A 1270 -5.02 -32.20 -40.48
CA VAL A 1270 -3.65 -32.60 -40.18
C VAL A 1270 -3.38 -32.37 -38.70
N ILE A 1271 -2.83 -33.38 -38.04
CA ILE A 1271 -2.57 -33.35 -36.60
C ILE A 1271 -1.10 -33.69 -36.37
N ALA A 1272 -0.43 -32.92 -35.54
CA ALA A 1272 0.99 -33.11 -35.24
C ALA A 1272 1.17 -33.69 -33.84
N VAL A 1273 2.43 -33.90 -33.49
CA VAL A 1273 2.82 -34.54 -32.24
C VAL A 1273 3.84 -33.64 -31.53
N ILE A 1274 3.63 -33.43 -30.23
CA ILE A 1274 4.47 -32.51 -29.47
C ILE A 1274 4.99 -33.17 -28.20
N ASP A 1275 4.87 -34.49 -28.13
CA ASP A 1275 5.22 -35.21 -26.91
C ASP A 1275 6.65 -34.92 -26.48
N ASP A 1276 6.88 -34.93 -25.16
CA ASP A 1276 8.16 -34.69 -24.48
C ASP A 1276 9.04 -33.68 -25.23
N GLY A 1277 8.43 -32.58 -25.64
CA GLY A 1277 9.16 -31.54 -26.34
C GLY A 1277 9.77 -32.00 -27.64
N LYS A 1278 9.09 -32.90 -28.34
CA LYS A 1278 9.58 -33.48 -29.58
C LYS A 1278 8.42 -33.76 -30.51
N VAL A 1279 8.70 -33.78 -31.81
CA VAL A 1279 7.73 -34.18 -32.82
C VAL A 1279 8.04 -35.62 -33.23
N ALA A 1280 6.99 -36.44 -33.35
CA ALA A 1280 7.16 -37.83 -33.76
C ALA A 1280 6.50 -38.15 -35.08
N GLU A 1281 5.29 -37.63 -35.33
CA GLU A 1281 4.63 -37.82 -36.62
C GLU A 1281 3.67 -36.66 -36.84
N GLN A 1282 3.21 -36.53 -38.08
CA GLN A 1282 2.30 -35.46 -38.46
C GLN A 1282 1.36 -35.98 -39.55
N GLY A 1283 0.10 -35.62 -39.46
CA GLY A 1283 -0.88 -36.01 -40.44
C GLY A 1283 -2.24 -36.21 -39.79
N SER A 1284 -3.17 -36.74 -40.59
CA SER A 1284 -4.50 -37.04 -40.07
C SER A 1284 -4.42 -38.19 -39.07
N HIS A 1285 -5.43 -38.26 -38.20
CA HIS A 1285 -5.46 -39.35 -37.23
C HIS A 1285 -5.48 -40.69 -37.93
N SER A 1286 -6.21 -40.79 -39.04
CA SER A 1286 -6.10 -41.97 -39.88
C SER A 1286 -4.68 -42.16 -40.39
N HIS A 1287 -4.04 -41.05 -40.82
CA HIS A 1287 -2.63 -41.13 -41.19
C HIS A 1287 -1.76 -41.41 -39.97
N LEU A 1288 -2.09 -40.82 -38.82
CA LEU A 1288 -1.33 -41.09 -37.61
C LEU A 1288 -1.44 -42.55 -37.18
N LEU A 1289 -2.44 -43.27 -37.69
CA LEU A 1289 -2.61 -44.69 -37.38
C LEU A 1289 -2.08 -45.61 -38.48
N LYS A 1290 -2.04 -45.16 -39.73
CA LYS A 1290 -1.50 -46.01 -40.80
C LYS A 1290 -0.01 -46.23 -40.62
N ASN A 1291 0.72 -45.17 -40.27
CA ASN A 1291 2.12 -45.29 -39.86
C ASN A 1291 2.27 -44.77 -38.44
N HIS A 1292 3.19 -45.37 -37.68
CA HIS A 1292 3.34 -45.00 -36.25
C HIS A 1292 1.97 -45.11 -35.58
N PRO A 1293 1.33 -46.31 -35.55
CA PRO A 1293 -0.03 -46.45 -35.02
C PRO A 1293 -0.12 -46.19 -33.51
N ASP A 1294 -1.34 -46.14 -32.97
CA ASP A 1294 -1.56 -45.89 -31.52
C ASP A 1294 -0.90 -44.54 -31.17
N GLY A 1295 -0.04 -44.52 -30.16
CA GLY A 1295 0.60 -43.27 -29.72
C GLY A 1295 0.08 -42.82 -28.37
N ILE A 1296 0.84 -41.97 -27.67
CA ILE A 1296 0.44 -41.52 -26.30
C ILE A 1296 -0.93 -40.84 -26.39
N TYR A 1297 -1.17 -40.04 -27.44
CA TYR A 1297 -2.44 -39.32 -27.59
C TYR A 1297 -3.58 -40.32 -27.81
N ALA A 1298 -3.32 -41.37 -28.60
CA ALA A 1298 -4.34 -42.42 -28.80
C ALA A 1298 -4.66 -43.06 -27.45
N ARG A 1299 -3.64 -43.29 -26.62
CA ARG A 1299 -3.88 -43.84 -25.26
C ARG A 1299 -4.76 -42.84 -24.48
N MET A 1300 -4.46 -41.54 -24.58
CA MET A 1300 -5.30 -40.52 -23.92
C MET A 1300 -6.72 -40.62 -24.47
N ILE A 1301 -6.85 -40.80 -25.79
CA ILE A 1301 -8.20 -40.93 -26.42
C ILE A 1301 -8.94 -42.10 -25.76
N GLN A 1302 -8.27 -43.25 -25.63
CA GLN A 1302 -8.89 -44.44 -24.98
C GLN A 1302 -9.27 -44.07 -23.53
N LEU A 1303 -8.40 -43.33 -22.84
CA LEU A 1303 -8.69 -42.89 -21.45
C LEU A 1303 -9.93 -41.98 -21.47
N GLN A 1304 -9.92 -40.96 -22.32
CA GLN A 1304 -11.06 -40.00 -22.36
C GLN A 1304 -12.35 -40.75 -22.69
N ARG A 1305 -12.24 -41.98 -23.19
CA ARG A 1305 -13.43 -42.79 -23.49
C ARG A 1305 -13.96 -43.44 -22.21
MG MG B . -14.77 -29.74 3.42
MG MG C . 0.65 -24.49 -23.67
PG ANP D . -16.10 -28.89 -0.18
O1G ANP D . -15.90 -30.06 -1.09
O2G ANP D . -17.03 -27.90 -0.83
O3G ANP D . -14.77 -28.21 0.02
PB ANP D . -17.06 -28.42 2.53
O1B ANP D . -15.97 -27.42 2.79
O2B ANP D . -17.62 -29.20 3.69
N3B ANP D . -16.69 -29.39 1.27
PA ANP D . -19.04 -26.22 2.39
O1A ANP D . -18.03 -25.14 2.51
O2A ANP D . -20.20 -26.02 1.48
O3A ANP D . -18.29 -27.58 1.95
O5' ANP D . -19.57 -26.63 3.85
C5' ANP D . -20.64 -27.60 3.98
C4' ANP D . -21.84 -26.94 4.62
O4' ANP D . -21.39 -26.00 5.63
C3' ANP D . -22.75 -26.12 3.69
O3' ANP D . -24.11 -26.20 4.10
C2' ANP D . -22.20 -24.71 3.87
O2' ANP D . -23.12 -23.70 3.52
C1' ANP D . -21.89 -24.72 5.36
N9 ANP D . -20.87 -23.75 5.72
C8 ANP D . -19.52 -23.94 5.81
N7 ANP D . -18.87 -22.85 6.16
C5 ANP D . -19.87 -21.88 6.29
C6 ANP D . -19.83 -20.51 6.63
N6 ANP D . -18.71 -19.86 6.92
N1 ANP D . -21.00 -19.85 6.68
C2 ANP D . -22.13 -20.52 6.39
N3 ANP D . -22.28 -21.80 6.06
C4 ANP D . -21.10 -22.43 6.02
PG ANP E . -2.15 -26.33 -20.68
O1G ANP E . -2.97 -27.57 -20.97
O2G ANP E . -3.01 -25.35 -19.95
O3G ANP E . -1.72 -25.71 -21.98
PB ANP E . 0.43 -25.73 -19.49
O1B ANP E . 1.35 -26.28 -18.44
O2B ANP E . -0.02 -24.30 -19.37
N3B ANP E . -0.84 -26.72 -19.79
PA ANP E . 2.43 -24.90 -21.49
O1A ANP E . 2.35 -25.06 -22.98
O2A ANP E . 2.35 -23.53 -20.93
O3A ANP E . 1.25 -25.79 -20.86
O5' ANP E . 3.74 -25.63 -20.95
C5' ANP E . 4.17 -25.38 -19.59
C4' ANP E . 5.68 -25.35 -19.53
O4' ANP E . 6.14 -24.00 -19.83
C3' ANP E . 6.31 -25.71 -18.18
O3' ANP E . 7.50 -26.47 -18.37
C2' ANP E . 6.63 -24.34 -17.59
O2' ANP E . 7.64 -24.36 -16.60
C1' ANP E . 7.07 -23.61 -18.85
N9 ANP E . 7.05 -22.16 -18.74
C8 ANP E . 6.00 -21.32 -18.97
N7 ANP E . 6.32 -20.05 -18.76
C5 ANP E . 7.64 -20.08 -18.37
C6 ANP E . 8.55 -19.06 -18.02
N6 ANP E . 8.25 -17.77 -17.99
N1 ANP E . 9.81 -19.45 -17.68
C2 ANP E . 10.11 -20.74 -17.71
N3 ANP E . 9.34 -21.78 -18.03
C4 ANP E . 8.11 -21.38 -18.35
C01 BLD F . 2.44 34.57 9.77
C02 BLD F . 1.27 34.43 8.81
O02 BLD F . 1.58 33.48 7.80
C03 BLD F . 0.02 34.01 9.56
O03 BLD F . 0.24 32.74 10.20
C04 BLD F . -0.33 35.06 10.61
C05 BLD F . 0.81 35.30 11.60
C06 BLD F . 0.41 36.44 12.52
O06 BLD F . -0.18 37.41 12.16
C07 BLD F . 1.88 35.31 14.00
O07 BLD F . 0.77 36.22 13.78
C08 BLD F . 3.13 35.88 13.35
C09 BLD F . 3.38 35.37 11.92
C10 BLD F . 2.19 35.54 10.94
C11 BLD F . 4.67 35.98 11.34
C12 BLD F . 5.85 35.72 12.26
C13 BLD F . 5.63 36.32 13.65
C14 BLD F . 4.36 35.66 14.24
C15 BLD F . 4.33 36.22 15.66
C16 BLD F . 5.81 36.22 16.07
C17 BLD F . 6.63 35.92 14.78
C18 BLD F . 5.51 37.86 13.56
C19 BLD F . 2.23 36.95 10.37
C20 BLD F . 8.06 36.51 14.84
C21 BLD F . 8.86 36.25 13.57
C22 BLD F . 8.80 35.99 16.08
O22 BLD F . 8.69 34.56 16.11
C23 BLD F . 10.28 36.37 16.08
O23 BLD F . 11.07 35.28 16.52
C24 BLD F . 10.54 37.59 17.00
C25 BLD F . 10.34 38.95 16.29
C26 BLD F . 10.03 40.06 17.27
C27 BLD F . 11.54 39.32 15.42
C28 BLD F . 11.91 37.49 17.68
#